data_6JZK
#
_entry.id   6JZK
#
_cell.length_a   35.840
_cell.length_b   85.452
_cell.length_c   242.561
_cell.angle_alpha   90.00
_cell.angle_beta   90.00
_cell.angle_gamma   90.00
#
_symmetry.space_group_name_H-M   'P 21 21 21'
#
loop_
_entity.id
_entity.type
_entity.pdbx_description
1 polymer 'Major fimbrium subunit FimA type-1'
2 non-polymer GLYCEROL
3 non-polymer 'SULFATE ION'
4 non-polymer 'S,R MESO-TARTARIC ACID'
5 water water
#
_entity_poly.entity_id   1
_entity_poly.type   'polypeptide(L)'
_entity_poly.pdbx_seq_one_letter_code
;GSMNKDNEAEPVTEGNATISVVLKTSNSNRAFGVGDDESKVAKLTVMVYNGEQQEAIKSAENATKVEDIKCSAGQRTLVV
MANTGAMELVGKTLAEVKALTTELTAENQEAAGLIMTAEPKTIVLKAGKNYIGYSGTGEGNHIENDPLKIKRVHARMAFT
EIKVQMSAAYDNIYTFVPEKIYGLIAKKQSNLFGATLVNADANYLTGSLTTFNGAYTPANYANVPWLSRNYVAPAADAPQ
GFYVLENDYSANGGTIHPTILCVYGKLQKNGADLAGADLAAAQAANWVDAEGKTYYPVLVNFNSNNYTYDSNYTPKNKIE
RNHKYDIKLTITGPGTNNPENPITESAHLNVQCTVAEWVLVGQNATW
;
_entity_poly.pdbx_strand_id   A,B
#
# COMPACT_ATOMS: atom_id res chain seq x y z
N GLU A 14 59.31 14.30 -38.22
CA GLU A 14 59.08 13.15 -37.36
C GLU A 14 57.59 12.82 -37.31
N GLY A 15 56.81 13.66 -36.63
CA GLY A 15 55.40 13.39 -36.50
C GLY A 15 55.05 12.45 -35.37
N ASN A 16 56.03 12.06 -34.55
CA ASN A 16 55.76 11.25 -33.39
C ASN A 16 54.93 12.03 -32.38
N ALA A 17 54.06 11.32 -31.68
CA ALA A 17 53.14 11.92 -30.74
C ALA A 17 52.95 10.98 -29.56
N THR A 18 52.49 11.53 -28.45
CA THR A 18 51.91 10.76 -27.36
C THR A 18 50.51 11.27 -27.09
N ILE A 19 49.66 10.39 -26.55
CA ILE A 19 48.38 10.79 -26.01
C ILE A 19 48.24 10.19 -24.62
N SER A 20 47.65 10.95 -23.70
CA SER A 20 47.30 10.52 -22.36
C SER A 20 45.81 10.75 -22.16
N VAL A 21 45.12 9.75 -21.62
CA VAL A 21 43.65 9.75 -21.50
C VAL A 21 43.29 9.53 -20.03
N VAL A 22 42.54 10.47 -19.44
CA VAL A 22 42.04 10.37 -18.08
C VAL A 22 40.52 10.18 -18.13
N LEU A 23 40.02 9.21 -17.36
CA LEU A 23 38.59 8.89 -17.31
C LEU A 23 37.85 9.77 -16.30
N LYS A 24 36.57 10.01 -16.57
CA LYS A 24 35.71 10.67 -15.60
C LYS A 24 35.41 9.74 -14.44
N THR A 25 35.77 10.16 -13.23
CA THR A 25 35.46 9.43 -12.02
C THR A 25 34.58 10.28 -11.13
N SER A 26 33.95 9.63 -10.16
CA SER A 26 32.95 10.29 -9.33
C SER A 26 33.61 11.33 -8.43
N ASN A 27 32.98 12.51 -8.36
CA ASN A 27 33.41 13.60 -7.50
C ASN A 27 32.75 13.50 -6.13
N SER A 28 32.46 12.27 -5.70
CA SER A 28 31.60 12.03 -4.53
C SER A 28 32.25 12.55 -3.25
N ASN A 29 31.48 13.32 -2.49
CA ASN A 29 31.85 13.73 -1.14
C ASN A 29 31.32 12.78 -0.09
N ARG A 30 30.55 11.75 -0.49
CA ARG A 30 30.04 10.74 0.41
C ARG A 30 30.44 9.36 -0.10
N ALA A 31 30.80 8.47 0.83
CA ALA A 31 31.03 7.08 0.47
C ALA A 31 29.81 6.49 -0.22
N PHE A 32 30.05 5.48 -1.07
CA PHE A 32 28.95 4.78 -1.73
C PHE A 32 28.59 3.52 -0.94
N GLY A 33 27.29 3.28 -0.81
CA GLY A 33 26.84 2.11 -0.07
C GLY A 33 27.25 0.82 -0.74
N VAL A 34 27.49 -0.21 0.07
CA VAL A 34 28.01 -1.46 -0.48
C VAL A 34 27.02 -2.08 -1.47
N GLY A 35 25.72 -1.90 -1.27
CA GLY A 35 24.74 -2.52 -2.15
C GLY A 35 24.63 -1.90 -3.54
N ASP A 36 25.33 -0.78 -3.77
CA ASP A 36 25.21 -0.01 -5.01
C ASP A 36 26.04 -0.55 -6.15
N ASP A 37 27.10 -1.33 -5.86
CA ASP A 37 27.98 -1.90 -6.87
C ASP A 37 28.44 -0.86 -7.88
N GLU A 38 28.91 0.30 -7.39
CA GLU A 38 29.40 1.32 -8.31
C GLU A 38 30.60 0.79 -9.11
N SER A 39 30.75 1.31 -10.33
CA SER A 39 31.69 0.75 -11.28
C SER A 39 33.12 0.98 -10.83
N LYS A 40 33.95 -0.05 -10.98
CA LYS A 40 35.36 0.01 -10.70
C LYS A 40 36.12 -0.50 -11.91
N VAL A 41 37.22 0.17 -12.26
CA VAL A 41 38.06 -0.26 -13.38
C VAL A 41 39.13 -1.21 -12.85
N ALA A 42 39.14 -2.45 -13.36
CA ALA A 42 40.20 -3.42 -13.10
C ALA A 42 41.28 -3.39 -14.17
N LYS A 43 40.90 -3.41 -15.45
CA LYS A 43 41.82 -3.21 -16.55
C LYS A 43 41.25 -2.13 -17.49
N LEU A 44 42.11 -1.23 -17.94
CA LEU A 44 41.72 -0.16 -18.85
C LEU A 44 42.60 -0.20 -20.09
N THR A 45 41.99 -0.30 -21.27
CA THR A 45 42.71 -0.38 -22.53
C THR A 45 42.33 0.82 -23.40
N VAL A 46 43.33 1.53 -23.90
CA VAL A 46 43.18 2.63 -24.85
C VAL A 46 43.81 2.20 -26.16
N MET A 47 43.06 2.29 -27.26
CA MET A 47 43.56 1.99 -28.59
C MET A 47 43.50 3.24 -29.46
N VAL A 48 44.47 3.38 -30.36
CA VAL A 48 44.54 4.50 -31.30
C VAL A 48 44.60 3.92 -32.71
N TYR A 49 43.61 4.23 -33.53
CA TYR A 49 43.48 3.68 -34.87
C TYR A 49 43.90 4.73 -35.91
N ASN A 50 44.76 4.33 -36.84
CA ASN A 50 45.06 5.06 -38.07
C ASN A 50 44.27 4.38 -39.17
N GLY A 51 43.18 5.00 -39.59
CA GLY A 51 42.26 4.31 -40.47
C GLY A 51 41.72 3.09 -39.76
N GLU A 52 41.89 1.92 -40.38
CA GLU A 52 41.44 0.66 -39.81
C GLU A 52 42.46 0.00 -38.91
N GLN A 53 43.74 0.35 -39.03
CA GLN A 53 44.76 -0.41 -38.33
C GLN A 53 45.09 0.23 -37.00
N GLN A 54 45.27 -0.62 -35.99
CA GLN A 54 45.72 -0.22 -34.68
C GLN A 54 47.15 0.29 -34.77
N GLU A 55 47.37 1.53 -34.33
CA GLU A 55 48.68 2.14 -34.25
C GLU A 55 49.24 2.11 -32.84
N ALA A 56 48.36 2.06 -31.85
CA ALA A 56 48.76 2.02 -30.47
C ALA A 56 47.71 1.23 -29.70
N ILE A 57 48.18 0.51 -28.69
CA ILE A 57 47.28 -0.12 -27.73
C ILE A 57 48.05 -0.29 -26.43
N LYS A 58 47.49 0.21 -25.35
CA LYS A 58 48.17 0.26 -24.07
C LYS A 58 47.15 0.07 -22.97
N SER A 59 47.44 -0.86 -22.05
CA SER A 59 46.57 -1.14 -20.91
C SER A 59 47.23 -0.65 -19.62
N ALA A 60 46.39 -0.27 -18.66
CA ALA A 60 46.75 -0.18 -17.26
C ALA A 60 45.83 -1.09 -16.46
N GLU A 61 46.31 -1.57 -15.31
CA GLU A 61 45.50 -2.35 -14.38
C GLU A 61 45.17 -1.46 -13.18
N ASN A 62 43.92 -1.57 -12.71
CA ASN A 62 43.45 -0.81 -11.55
C ASN A 62 43.84 0.66 -11.64
N ALA A 63 43.50 1.27 -12.76
CA ALA A 63 43.77 2.69 -12.96
C ALA A 63 42.65 3.29 -13.79
N THR A 64 42.40 4.58 -13.61
CA THR A 64 41.39 5.31 -14.39
C THR A 64 42.02 6.28 -15.38
N LYS A 65 43.21 5.95 -15.87
CA LYS A 65 43.90 6.73 -16.89
C LYS A 65 44.96 5.83 -17.53
N VAL A 66 45.26 6.12 -18.80
CA VAL A 66 46.43 5.54 -19.48
C VAL A 66 47.23 6.70 -20.07
N GLU A 67 48.52 6.78 -19.74
CA GLU A 67 49.36 7.92 -20.09
C GLU A 67 50.46 7.53 -21.07
N ASP A 68 50.87 8.53 -21.86
CA ASP A 68 52.08 8.43 -22.69
C ASP A 68 52.00 7.27 -23.67
N ILE A 69 50.87 7.20 -24.38
CA ILE A 69 50.66 6.21 -25.43
C ILE A 69 51.33 6.72 -26.70
N LYS A 70 52.28 5.95 -27.22
CA LYS A 70 53.05 6.41 -28.38
C LYS A 70 52.24 6.23 -29.64
N CYS A 71 52.24 7.26 -30.49
CA CYS A 71 51.51 7.24 -31.75
C CYS A 71 52.13 8.31 -32.65
N SER A 72 51.39 8.71 -33.69
CA SER A 72 51.92 9.69 -34.62
C SER A 72 50.84 10.68 -35.05
N ALA A 73 51.29 11.87 -35.45
CA ALA A 73 50.39 12.97 -35.79
C ALA A 73 49.44 12.60 -36.92
N GLY A 74 48.22 13.10 -36.84
CA GLY A 74 47.25 12.90 -37.89
C GLY A 74 45.88 12.59 -37.34
N GLN A 75 44.91 12.31 -38.22
CA GLN A 75 43.57 11.95 -37.79
C GLN A 75 43.52 10.49 -37.38
N ARG A 76 42.95 10.23 -36.19
CA ARG A 76 42.89 8.90 -35.61
C ARG A 76 41.52 8.67 -34.99
N THR A 77 41.19 7.41 -34.72
CA THR A 77 40.04 7.05 -33.91
C THR A 77 40.52 6.52 -32.56
N LEU A 78 39.99 7.07 -31.49
CA LEU A 78 40.30 6.66 -30.13
C LEU A 78 39.23 5.70 -29.64
N VAL A 79 39.65 4.53 -29.14
CA VAL A 79 38.74 3.52 -28.60
C VAL A 79 39.21 3.17 -27.20
N VAL A 80 38.29 3.21 -26.23
CA VAL A 80 38.61 2.95 -24.82
C VAL A 80 37.66 1.88 -24.30
N MET A 81 38.23 0.82 -23.72
CA MET A 81 37.48 -0.28 -23.12
C MET A 81 38.10 -0.63 -21.78
N ALA A 82 37.25 -1.02 -20.83
CA ALA A 82 37.69 -1.43 -19.51
C ALA A 82 37.08 -2.77 -19.15
N ASN A 83 37.77 -3.50 -18.28
CA ASN A 83 37.29 -4.77 -17.70
C ASN A 83 36.98 -5.79 -18.79
N THR A 84 37.81 -5.83 -19.82
CA THR A 84 37.64 -6.76 -20.94
C THR A 84 38.28 -8.12 -20.68
N GLY A 85 38.97 -8.28 -19.55
CA GLY A 85 39.50 -9.57 -19.15
C GLY A 85 40.40 -10.17 -20.21
N ALA A 86 40.03 -11.34 -20.68
CA ALA A 86 40.83 -12.15 -21.59
C ALA A 86 40.54 -11.87 -23.06
N MET A 87 39.59 -10.99 -23.35
CA MET A 87 39.29 -10.59 -24.72
C MET A 87 40.55 -10.14 -25.42
N GLU A 88 40.74 -10.59 -26.66
CA GLU A 88 41.94 -10.26 -27.43
C GLU A 88 41.69 -8.99 -28.24
N LEU A 89 42.31 -7.89 -27.82
CA LEU A 89 42.18 -6.62 -28.52
C LEU A 89 43.39 -6.27 -29.38
N VAL A 90 44.56 -6.81 -29.08
CA VAL A 90 45.78 -6.43 -29.78
C VAL A 90 45.68 -6.88 -31.23
N GLY A 91 45.79 -5.92 -32.15
CA GLY A 91 45.78 -6.17 -33.58
C GLY A 91 44.42 -6.22 -34.22
N LYS A 92 43.34 -6.04 -33.45
CA LYS A 92 42.02 -5.98 -34.06
C LYS A 92 41.91 -4.73 -34.92
N THR A 93 41.22 -4.85 -36.05
CA THR A 93 40.96 -3.67 -36.84
C THR A 93 39.84 -2.85 -36.19
N LEU A 94 39.68 -1.61 -36.65
CA LEU A 94 38.63 -0.76 -36.11
C LEU A 94 37.26 -1.37 -36.33
N ALA A 95 36.97 -1.81 -37.56
CA ALA A 95 35.68 -2.44 -37.80
C ALA A 95 35.50 -3.69 -36.95
N GLU A 96 36.58 -4.41 -36.68
CA GLU A 96 36.45 -5.59 -35.81
C GLU A 96 36.13 -5.17 -34.38
N VAL A 97 36.82 -4.15 -33.86
CA VAL A 97 36.52 -3.72 -32.50
C VAL A 97 35.11 -3.15 -32.42
N LYS A 98 34.69 -2.39 -33.44
CA LYS A 98 33.37 -1.75 -33.39
C LYS A 98 32.24 -2.76 -33.35
N ALA A 99 32.46 -3.96 -33.92
CA ALA A 99 31.45 -5.00 -34.01
C ALA A 99 31.57 -6.04 -32.89
N LEU A 100 32.39 -5.78 -31.88
CA LEU A 100 32.54 -6.72 -30.78
C LEU A 100 31.22 -6.92 -30.05
N THR A 101 30.99 -8.14 -29.58
CA THR A 101 29.83 -8.49 -28.76
C THR A 101 30.30 -9.11 -27.45
N THR A 102 29.36 -9.30 -26.53
CA THR A 102 29.61 -10.03 -25.29
C THR A 102 28.38 -10.86 -24.96
N GLU A 103 28.57 -11.92 -24.19
CA GLU A 103 27.43 -12.67 -23.68
C GLU A 103 27.44 -12.68 -22.17
N LEU A 104 26.26 -12.90 -21.58
CA LEU A 104 26.11 -12.89 -20.13
C LEU A 104 26.78 -14.12 -19.54
N THR A 105 27.44 -13.94 -18.40
CA THR A 105 28.21 -15.01 -17.77
C THR A 105 27.87 -15.11 -16.29
N ALA A 106 28.17 -16.30 -15.74
CA ALA A 106 28.13 -16.48 -14.30
C ALA A 106 29.03 -15.47 -13.59
N GLU A 107 30.17 -15.16 -14.21
CA GLU A 107 31.07 -14.16 -13.65
C GLU A 107 30.37 -12.82 -13.45
N ASN A 108 29.55 -12.40 -14.41
CA ASN A 108 28.84 -11.13 -14.29
C ASN A 108 27.99 -11.10 -13.04
N GLN A 109 27.51 -12.25 -12.57
CA GLN A 109 26.62 -12.28 -11.42
C GLN A 109 27.35 -11.95 -10.13
N GLU A 110 28.68 -12.09 -10.11
CA GLU A 110 29.48 -11.56 -9.01
C GLU A 110 30.06 -10.18 -9.34
N ALA A 111 29.46 -9.48 -10.31
CA ALA A 111 29.88 -8.14 -10.71
C ALA A 111 31.32 -8.10 -11.24
N ALA A 112 31.80 -9.23 -11.76
CA ALA A 112 33.07 -9.26 -12.47
C ALA A 112 32.81 -9.34 -13.97
N GLY A 113 33.81 -8.93 -14.74
CA GLY A 113 33.67 -8.93 -16.18
C GLY A 113 32.68 -7.90 -16.72
N LEU A 114 32.43 -6.83 -15.96
CA LEU A 114 31.43 -5.82 -16.32
C LEU A 114 32.10 -4.81 -17.25
N ILE A 115 32.13 -5.18 -18.53
CA ILE A 115 32.82 -4.38 -19.55
C ILE A 115 32.25 -2.98 -19.60
N MET A 116 33.14 -1.99 -19.75
CA MET A 116 32.78 -0.60 -19.92
C MET A 116 33.36 -0.08 -21.23
N THR A 117 32.58 0.70 -21.98
CA THR A 117 33.09 1.27 -23.21
C THR A 117 32.68 2.73 -23.28
N ALA A 118 33.40 3.49 -24.09
CA ALA A 118 32.90 4.75 -24.64
C ALA A 118 32.77 4.57 -26.14
N GLU A 119 32.00 5.45 -26.74
CA GLU A 119 31.86 5.42 -28.19
C GLU A 119 33.17 5.86 -28.84
N PRO A 120 33.55 5.24 -29.96
CA PRO A 120 34.80 5.63 -30.63
C PRO A 120 34.75 7.09 -31.02
N LYS A 121 35.90 7.75 -30.94
CA LYS A 121 35.98 9.19 -31.08
C LYS A 121 37.01 9.54 -32.14
N THR A 122 36.62 10.35 -33.12
CA THR A 122 37.54 10.78 -34.16
C THR A 122 38.26 12.04 -33.70
N ILE A 123 39.61 11.99 -33.69
CA ILE A 123 40.45 13.06 -33.17
C ILE A 123 41.61 13.29 -34.15
N VAL A 124 42.31 14.40 -33.96
CA VAL A 124 43.53 14.69 -34.71
C VAL A 124 44.66 14.85 -33.71
N LEU A 125 45.68 14.00 -33.81
CA LEU A 125 46.86 14.12 -32.97
C LEU A 125 47.79 15.15 -33.57
N LYS A 126 48.28 16.04 -32.72
CA LYS A 126 49.36 16.93 -33.08
C LYS A 126 50.67 16.27 -32.69
N ALA A 127 51.72 16.51 -33.47
CA ALA A 127 53.03 16.01 -33.09
C ALA A 127 53.32 16.48 -31.67
N GLY A 128 53.90 15.59 -30.86
CA GLY A 128 54.15 15.93 -29.48
C GLY A 128 53.11 15.37 -28.52
N LYS A 129 52.79 16.12 -27.46
CA LYS A 129 51.93 15.60 -26.40
C LYS A 129 50.49 15.97 -26.67
N ASN A 130 49.61 14.98 -26.55
CA ASN A 130 48.17 15.17 -26.64
C ASN A 130 47.51 14.67 -25.37
N TYR A 131 46.37 15.28 -25.03
CA TYR A 131 45.71 15.04 -23.74
C TYR A 131 44.22 14.93 -23.92
N ILE A 132 43.61 14.02 -23.16
CA ILE A 132 42.16 13.94 -23.05
C ILE A 132 41.82 13.78 -21.58
N GLY A 133 41.08 14.74 -21.03
CA GLY A 133 40.70 14.65 -19.64
C GLY A 133 41.65 15.25 -18.64
N TYR A 134 42.49 16.21 -19.06
CA TYR A 134 43.43 16.87 -18.14
C TYR A 134 43.03 18.30 -17.83
N SER A 135 41.86 18.74 -18.30
CA SER A 135 41.33 20.09 -18.09
C SER A 135 42.41 21.17 -18.27
N GLY A 136 43.05 21.13 -19.44
CA GLY A 136 44.02 22.12 -19.84
C GLY A 136 45.32 22.14 -19.07
N THR A 137 45.58 21.14 -18.22
CA THR A 137 46.79 21.11 -17.41
C THR A 137 47.89 20.33 -18.12
N GLY A 138 49.06 20.95 -18.22
CA GLY A 138 50.22 20.38 -18.89
C GLY A 138 50.40 20.97 -20.27
N GLU A 139 51.65 21.11 -20.68
CA GLU A 139 51.91 21.71 -21.98
C GLU A 139 51.67 20.70 -23.08
N GLY A 140 51.08 21.15 -24.17
CA GLY A 140 50.77 20.28 -25.27
C GLY A 140 49.38 20.57 -25.77
N ASN A 141 48.85 19.61 -26.53
CA ASN A 141 47.60 19.78 -27.25
C ASN A 141 46.48 19.06 -26.52
N HIS A 142 45.49 19.82 -26.04
CA HIS A 142 44.36 19.25 -25.29
C HIS A 142 43.21 19.03 -26.28
N ILE A 143 43.09 17.79 -26.75
CA ILE A 143 42.00 17.41 -27.64
C ILE A 143 40.65 17.56 -26.94
N GLU A 144 40.58 17.16 -25.67
CA GLU A 144 39.38 17.37 -24.87
C GLU A 144 39.78 17.70 -23.45
N ASN A 145 39.17 18.75 -22.90
CA ASN A 145 39.44 19.12 -21.52
C ASN A 145 38.79 18.16 -20.53
N ASP A 146 37.54 17.79 -20.79
CA ASP A 146 36.77 17.01 -19.81
C ASP A 146 37.22 15.56 -19.79
N PRO A 147 37.44 14.98 -18.60
CA PRO A 147 37.70 13.54 -18.49
C PRO A 147 36.69 12.72 -19.30
N LEU A 148 37.16 11.62 -19.87
CA LEU A 148 36.32 10.86 -20.77
C LEU A 148 35.41 9.91 -20.00
N LYS A 149 34.14 9.86 -20.41
CA LYS A 149 33.14 9.04 -19.77
C LYS A 149 33.08 7.67 -20.45
N ILE A 150 33.35 6.61 -19.69
CA ILE A 150 33.01 5.26 -20.11
C ILE A 150 31.91 4.75 -19.18
N LYS A 151 31.09 3.82 -19.69
CA LYS A 151 29.92 3.29 -19.01
C LYS A 151 29.91 1.77 -19.08
N ARG A 152 29.35 1.14 -18.06
CA ARG A 152 29.08 -0.30 -18.13
C ARG A 152 28.17 -0.61 -19.31
N VAL A 153 28.36 -1.80 -19.90
CA VAL A 153 27.41 -2.31 -20.87
C VAL A 153 26.30 -3.14 -20.23
N HIS A 154 26.49 -3.59 -18.99
CA HIS A 154 25.48 -4.34 -18.25
C HIS A 154 24.57 -3.40 -17.45
N ALA A 155 23.41 -3.95 -17.05
CA ALA A 155 22.49 -3.39 -16.08
C ALA A 155 22.29 -4.40 -14.95
N ARG A 156 21.67 -3.94 -13.85
CA ARG A 156 21.39 -4.81 -12.71
C ARG A 156 19.91 -4.71 -12.35
N MET A 157 19.24 -5.85 -12.20
CA MET A 157 17.90 -5.93 -11.63
C MET A 157 17.97 -6.66 -10.29
N ALA A 158 17.45 -6.04 -9.24
CA ALA A 158 17.59 -6.66 -7.94
C ALA A 158 16.49 -6.21 -7.03
N PHE A 159 16.06 -7.10 -6.15
CA PHE A 159 15.17 -6.72 -5.04
C PHE A 159 16.00 -6.09 -3.94
N THR A 160 15.55 -4.94 -3.44
CA THR A 160 16.08 -4.41 -2.19
C THR A 160 15.16 -4.71 -1.02
N GLU A 161 13.92 -5.11 -1.29
CA GLU A 161 12.97 -5.43 -0.25
C GLU A 161 11.88 -6.33 -0.83
N ILE A 162 11.52 -7.35 -0.05
CA ILE A 162 10.34 -8.17 -0.32
C ILE A 162 9.57 -8.29 1.00
N LYS A 163 8.32 -7.84 1.00
CA LYS A 163 7.43 -7.85 2.15
C LYS A 163 6.12 -8.53 1.79
N VAL A 164 5.57 -9.31 2.72
CA VAL A 164 4.26 -9.93 2.55
C VAL A 164 3.28 -9.19 3.43
N GLN A 165 2.25 -8.59 2.80
CA GLN A 165 1.14 -7.92 3.48
C GLN A 165 -0.15 -8.36 2.79
N MET A 166 -0.64 -9.54 3.15
CA MET A 166 -1.83 -10.11 2.53
C MET A 166 -3.00 -9.18 2.70
N SER A 167 -3.74 -8.96 1.62
CA SER A 167 -4.95 -8.15 1.65
C SER A 167 -6.08 -8.91 2.38
N ALA A 168 -7.23 -8.25 2.49
CA ALA A 168 -8.27 -8.67 3.45
C ALA A 168 -8.72 -10.10 3.20
N ALA A 169 -8.88 -10.49 1.94
CA ALA A 169 -9.36 -11.83 1.61
C ALA A 169 -8.38 -12.92 2.03
N TYR A 170 -7.09 -12.61 2.08
CA TYR A 170 -6.05 -13.61 2.25
C TYR A 170 -5.34 -13.52 3.59
N ASP A 171 -5.54 -12.43 4.33
CA ASP A 171 -4.83 -12.22 5.58
C ASP A 171 -5.27 -13.28 6.60
N ASN A 172 -4.31 -13.75 7.41
CA ASN A 172 -4.52 -14.80 8.41
C ASN A 172 -5.03 -16.10 7.78
N ILE A 173 -4.88 -16.27 6.47
CA ILE A 173 -5.20 -17.52 5.79
C ILE A 173 -3.97 -17.95 5.00
N TYR A 174 -3.56 -17.15 4.04
CA TYR A 174 -2.45 -17.51 3.17
C TYR A 174 -1.16 -16.89 3.68
N THR A 175 -0.07 -17.64 3.55
CA THR A 175 1.26 -17.10 3.76
C THR A 175 2.14 -17.55 2.60
N PHE A 176 3.32 -16.96 2.52
CA PHE A 176 4.24 -17.22 1.42
C PHE A 176 5.63 -17.40 2.01
N VAL A 177 6.30 -18.47 1.60
CA VAL A 177 7.61 -18.87 2.09
C VAL A 177 8.59 -18.82 0.92
N PRO A 178 9.31 -17.72 0.71
CA PRO A 178 10.20 -17.65 -0.45
C PRO A 178 11.29 -18.71 -0.41
N GLU A 179 11.62 -19.24 -1.59
CA GLU A 179 12.65 -20.26 -1.76
C GLU A 179 13.74 -19.84 -2.73
N LYS A 180 13.39 -19.29 -3.89
CA LYS A 180 14.36 -18.91 -4.92
C LYS A 180 14.06 -17.49 -5.39
N ILE A 181 15.11 -16.82 -5.90
CA ILE A 181 14.95 -15.61 -6.68
C ILE A 181 15.53 -15.92 -8.07
N TYR A 182 14.79 -15.55 -9.13
CA TYR A 182 15.12 -15.93 -10.50
C TYR A 182 15.26 -14.70 -11.39
N GLY A 183 16.14 -14.81 -12.38
CA GLY A 183 16.12 -13.92 -13.52
C GLY A 183 15.61 -14.71 -14.71
N LEU A 184 14.55 -14.18 -15.33
CA LEU A 184 13.91 -14.81 -16.47
C LEU A 184 14.07 -13.97 -17.72
N ILE A 185 14.10 -14.65 -18.88
CA ILE A 185 14.08 -13.98 -20.19
C ILE A 185 15.20 -12.94 -20.27
N ALA A 186 16.40 -13.38 -19.89
CA ALA A 186 17.58 -12.52 -19.90
C ALA A 186 18.26 -12.67 -21.26
N LYS A 187 18.33 -11.58 -22.01
CA LYS A 187 18.88 -11.64 -23.37
C LYS A 187 20.36 -12.00 -23.32
N LYS A 188 20.76 -12.96 -24.15
CA LYS A 188 22.05 -13.62 -23.95
C LYS A 188 23.21 -12.76 -24.43
N GLN A 189 23.03 -11.99 -25.48
CA GLN A 189 24.13 -11.28 -26.11
C GLN A 189 23.76 -9.82 -26.36
N SER A 190 24.77 -8.95 -26.36
CA SER A 190 24.56 -7.58 -26.81
C SER A 190 25.84 -7.11 -27.49
N ASN A 191 25.75 -5.95 -28.12
CA ASN A 191 26.95 -5.30 -28.62
C ASN A 191 27.66 -4.58 -27.48
N LEU A 192 28.87 -4.10 -27.77
CA LEU A 192 29.62 -3.29 -26.81
C LEU A 192 29.71 -1.82 -27.20
N PHE A 193 29.51 -1.49 -28.48
CA PHE A 193 29.47 -0.12 -28.96
C PHE A 193 28.17 0.12 -29.71
N GLY A 194 27.76 1.39 -29.75
CA GLY A 194 26.55 1.78 -30.46
C GLY A 194 25.65 2.70 -29.64
N ALA A 195 24.81 3.48 -30.32
CA ALA A 195 23.85 4.32 -29.61
C ALA A 195 22.91 3.49 -28.74
N THR A 196 22.55 2.31 -29.22
CA THR A 196 22.00 1.24 -28.40
C THR A 196 22.89 0.02 -28.55
N LEU A 197 22.84 -0.90 -27.57
CA LEU A 197 23.61 -2.14 -27.61
C LEU A 197 22.76 -3.36 -27.93
N VAL A 198 21.42 -3.23 -27.96
CA VAL A 198 20.58 -4.33 -28.41
C VAL A 198 20.99 -4.74 -29.82
N ASN A 199 21.02 -6.05 -30.08
CA ASN A 199 21.33 -6.56 -31.40
C ASN A 199 20.33 -7.65 -31.76
N ALA A 200 20.52 -8.26 -32.94
CA ALA A 200 19.53 -9.17 -33.48
C ALA A 200 19.67 -10.60 -33.00
N ASP A 201 20.73 -10.95 -32.27
CA ASP A 201 20.81 -12.29 -31.70
C ASP A 201 19.56 -12.55 -30.90
N ALA A 202 19.01 -13.75 -31.04
CA ALA A 202 17.67 -14.05 -30.55
C ALA A 202 17.69 -15.05 -29.40
N ASN A 203 18.84 -15.23 -28.77
CA ASN A 203 18.99 -16.19 -27.68
C ASN A 203 18.72 -15.54 -26.33
N TYR A 204 18.09 -16.31 -25.43
CA TYR A 204 17.70 -15.85 -24.11
C TYR A 204 18.06 -16.92 -23.08
N LEU A 205 18.23 -16.48 -21.83
CA LEU A 205 18.62 -17.36 -20.74
C LEU A 205 17.66 -17.18 -19.58
N THR A 206 17.61 -18.18 -18.71
CA THR A 206 16.73 -18.10 -17.55
C THR A 206 17.29 -18.94 -16.42
N GLY A 207 16.93 -18.57 -15.19
CA GLY A 207 17.25 -19.37 -14.03
C GLY A 207 16.19 -20.39 -13.66
N SER A 208 15.03 -20.33 -14.30
CA SER A 208 13.91 -21.23 -14.06
C SER A 208 13.64 -22.08 -15.31
N LEU A 209 12.37 -22.44 -15.54
CA LEU A 209 12.03 -23.40 -16.59
C LEU A 209 12.09 -22.77 -17.97
N THR A 210 12.52 -23.56 -18.96
CA THR A 210 12.39 -23.24 -20.37
C THR A 210 11.07 -23.73 -20.96
N THR A 211 10.15 -24.23 -20.13
CA THR A 211 8.96 -24.94 -20.58
C THR A 211 7.65 -24.22 -20.26
N PHE A 212 7.70 -22.98 -19.76
CA PHE A 212 6.48 -22.31 -19.35
C PHE A 212 5.54 -22.06 -20.53
N ASN A 213 6.09 -21.96 -21.74
CA ASN A 213 5.29 -21.70 -22.93
C ASN A 213 4.33 -20.53 -22.69
N GLY A 214 4.88 -19.43 -22.23
CA GLY A 214 4.06 -18.27 -21.94
C GLY A 214 4.04 -17.31 -23.11
N ALA A 215 3.18 -16.29 -22.99
CA ALA A 215 3.13 -15.26 -24.01
C ALA A 215 4.46 -14.52 -24.14
N TYR A 216 5.29 -14.51 -23.09
CA TYR A 216 6.59 -13.85 -23.12
C TYR A 216 7.73 -14.81 -23.44
N THR A 217 7.53 -16.12 -23.30
CA THR A 217 8.61 -17.07 -23.48
C THR A 217 9.19 -16.97 -24.89
N PRO A 218 10.50 -16.82 -25.03
CA PRO A 218 11.10 -16.77 -26.37
C PRO A 218 11.48 -18.15 -26.89
N ALA A 219 11.49 -18.24 -28.21
CA ALA A 219 11.72 -19.53 -28.86
C ALA A 219 13.07 -20.12 -28.48
N ASN A 220 14.12 -19.30 -28.46
CA ASN A 220 15.48 -19.80 -28.22
C ASN A 220 15.90 -19.47 -26.79
N TYR A 221 15.94 -20.48 -25.93
CA TYR A 221 15.87 -20.27 -24.50
C TYR A 221 16.63 -21.38 -23.79
N ALA A 222 17.45 -21.02 -22.82
CA ALA A 222 18.28 -21.99 -22.10
C ALA A 222 18.33 -21.66 -20.61
N ASN A 223 18.33 -22.70 -19.78
CA ASN A 223 18.49 -22.55 -18.33
C ASN A 223 19.96 -22.51 -17.95
N VAL A 224 20.30 -21.63 -17.02
CA VAL A 224 21.65 -21.62 -16.43
C VAL A 224 21.54 -21.53 -14.92
N PRO A 225 22.31 -22.31 -14.17
CA PRO A 225 22.20 -22.26 -12.71
C PRO A 225 22.49 -20.89 -12.11
N TRP A 226 23.28 -20.03 -12.79
CA TRP A 226 23.67 -18.76 -12.18
C TRP A 226 22.63 -17.65 -12.34
N LEU A 227 21.50 -17.91 -12.99
CA LEU A 227 20.36 -16.98 -12.95
C LEU A 227 19.31 -17.41 -11.92
N SER A 228 19.74 -18.15 -10.88
CA SER A 228 18.85 -18.57 -9.81
C SER A 228 19.63 -18.53 -8.50
N ARG A 229 19.01 -17.98 -7.45
CA ARG A 229 19.62 -17.85 -6.13
C ARG A 229 18.71 -18.46 -5.07
N ASN A 230 19.29 -19.27 -4.19
CA ASN A 230 18.64 -19.56 -2.92
C ASN A 230 18.16 -18.25 -2.30
N TYR A 231 16.95 -18.27 -1.75
CA TYR A 231 16.37 -17.04 -1.25
C TYR A 231 17.10 -16.52 -0.03
N VAL A 232 17.49 -15.26 -0.08
CA VAL A 232 18.04 -14.52 1.04
C VAL A 232 17.20 -13.26 1.17
N ALA A 233 16.72 -12.98 2.37
CA ALA A 233 15.83 -11.85 2.55
C ALA A 233 16.51 -10.59 2.03
N PRO A 234 15.99 -9.94 0.99
CA PRO A 234 16.68 -8.77 0.45
C PRO A 234 16.89 -7.70 1.51
N ALA A 235 18.02 -7.02 1.38
CA ALA A 235 18.33 -5.86 2.21
C ALA A 235 18.97 -4.80 1.33
N ALA A 236 18.94 -3.55 1.79
CA ALA A 236 19.54 -2.46 1.01
C ALA A 236 21.03 -2.68 0.81
N ASP A 237 21.73 -3.20 1.84
CA ASP A 237 23.15 -3.50 1.74
C ASP A 237 23.44 -4.70 0.86
N ALA A 238 22.45 -5.55 0.60
CA ALA A 238 22.66 -6.79 -0.14
C ALA A 238 21.46 -7.00 -1.06
N PRO A 239 21.34 -6.19 -2.10
CA PRO A 239 20.24 -6.39 -3.06
C PRO A 239 20.37 -7.77 -3.68
N GLN A 240 19.23 -8.40 -3.96
CA GLN A 240 19.18 -9.78 -4.43
C GLN A 240 18.70 -9.79 -5.89
N GLY A 241 19.58 -10.17 -6.81
CA GLY A 241 19.24 -10.05 -8.22
C GLY A 241 20.41 -10.42 -9.11
N PHE A 242 20.38 -9.88 -10.32
CA PHE A 242 21.21 -10.36 -11.40
C PHE A 242 21.67 -9.21 -12.30
N TYR A 243 22.85 -9.39 -12.91
CA TYR A 243 23.30 -8.52 -13.98
C TYR A 243 22.80 -9.06 -15.31
N VAL A 244 22.40 -8.13 -16.20
CA VAL A 244 21.76 -8.46 -17.47
C VAL A 244 22.29 -7.54 -18.56
N LEU A 245 22.05 -7.95 -19.80
CA LEU A 245 22.41 -7.18 -20.97
C LEU A 245 21.17 -6.53 -21.58
N GLU A 246 21.40 -5.63 -22.54
CA GLU A 246 20.32 -4.83 -23.10
C GLU A 246 19.33 -5.71 -23.86
N ASN A 247 18.07 -5.30 -23.78
CA ASN A 247 16.96 -6.07 -24.32
C ASN A 247 15.83 -5.08 -24.53
N ASP A 248 15.26 -5.04 -25.73
CA ASP A 248 14.20 -4.10 -26.06
C ASP A 248 12.87 -4.84 -26.12
N TYR A 249 11.93 -4.46 -25.26
CA TYR A 249 10.58 -5.03 -25.29
C TYR A 249 9.55 -3.93 -25.29
N SER A 250 9.82 -2.86 -26.04
CA SER A 250 9.01 -1.65 -26.03
C SER A 250 7.98 -1.59 -27.15
N ALA A 251 7.84 -2.66 -27.94
CA ALA A 251 6.93 -2.63 -29.07
C ALA A 251 5.51 -2.32 -28.64
N ASN A 252 4.81 -1.54 -29.48
CA ASN A 252 3.42 -1.18 -29.22
C ASN A 252 2.55 -2.42 -29.06
N GLY A 253 2.82 -3.45 -29.85
CA GLY A 253 2.07 -4.68 -29.77
C GLY A 253 2.84 -5.80 -30.42
N GLY A 254 2.19 -6.95 -30.52
CA GLY A 254 2.88 -8.15 -30.96
C GLY A 254 3.66 -8.75 -29.81
N THR A 255 4.37 -9.82 -30.12
CA THR A 255 5.17 -10.52 -29.13
C THR A 255 6.30 -9.62 -28.62
N ILE A 256 6.46 -9.58 -27.29
CA ILE A 256 7.59 -8.95 -26.62
C ILE A 256 8.22 -9.98 -25.68
N HIS A 257 9.47 -9.72 -25.30
CA HIS A 257 10.26 -10.64 -24.47
C HIS A 257 10.87 -9.87 -23.30
N PRO A 258 10.09 -9.58 -22.28
CA PRO A 258 10.56 -8.71 -21.20
C PRO A 258 11.44 -9.45 -20.21
N THR A 259 12.53 -8.80 -19.82
CA THR A 259 13.39 -9.34 -18.78
C THR A 259 12.66 -9.26 -17.44
N ILE A 260 12.66 -10.36 -16.67
CA ILE A 260 11.86 -10.48 -15.48
C ILE A 260 12.73 -10.89 -14.29
N LEU A 261 12.49 -10.24 -13.16
CA LEU A 261 13.03 -10.67 -11.87
C LEU A 261 11.87 -11.24 -11.07
N CYS A 262 12.08 -12.40 -10.48
CA CYS A 262 10.97 -13.19 -9.96
C CYS A 262 11.33 -13.76 -8.59
N VAL A 263 10.35 -13.85 -7.69
CA VAL A 263 10.56 -14.61 -6.48
C VAL A 263 9.59 -15.78 -6.48
N TYR A 264 10.01 -16.90 -5.90
CA TYR A 264 9.33 -18.18 -6.03
C TYR A 264 9.34 -18.90 -4.69
N GLY A 265 8.22 -19.52 -4.34
CA GLY A 265 8.16 -20.24 -3.09
C GLY A 265 6.80 -20.84 -2.84
N LYS A 266 6.67 -21.43 -1.66
CA LYS A 266 5.46 -22.15 -1.30
C LYS A 266 4.36 -21.16 -0.88
N LEU A 267 3.14 -21.42 -1.35
CA LEU A 267 1.97 -20.70 -0.89
C LEU A 267 1.24 -21.60 0.10
N GLN A 268 1.36 -21.30 1.39
CA GLN A 268 0.73 -22.08 2.44
C GLN A 268 -0.61 -21.47 2.88
N LYS A 269 -1.51 -22.34 3.34
CA LYS A 269 -2.85 -21.96 3.78
C LYS A 269 -3.13 -22.53 5.16
N ASN A 270 -3.54 -21.66 6.09
CA ASN A 270 -3.74 -22.03 7.49
C ASN A 270 -2.47 -22.65 8.07
N GLY A 271 -1.32 -22.09 7.71
CA GLY A 271 -0.04 -22.54 8.24
C GLY A 271 0.50 -23.82 7.67
N ALA A 272 -0.10 -24.35 6.60
CA ALA A 272 0.24 -25.68 6.13
C ALA A 272 0.31 -25.67 4.62
N ASP A 273 1.02 -26.66 4.07
CA ASP A 273 1.07 -26.84 2.62
C ASP A 273 -0.34 -27.04 2.07
N LEU A 274 -0.54 -26.59 0.84
CA LEU A 274 -1.85 -26.73 0.19
C LEU A 274 -2.14 -28.21 -0.10
N ALA A 275 -3.38 -28.62 0.17
CA ALA A 275 -3.80 -29.98 -0.10
C ALA A 275 -5.29 -30.00 -0.46
N GLY A 276 -5.72 -31.17 -0.94
CA GLY A 276 -7.14 -31.39 -1.15
C GLY A 276 -7.79 -30.33 -1.99
N ALA A 277 -8.99 -29.93 -1.57
CA ALA A 277 -9.75 -28.91 -2.30
C ALA A 277 -9.00 -27.59 -2.39
N ASP A 278 -8.23 -27.23 -1.35
CA ASP A 278 -7.48 -25.98 -1.40
C ASP A 278 -6.43 -26.02 -2.50
N LEU A 279 -5.67 -27.12 -2.59
CA LEU A 279 -4.67 -27.24 -3.65
C LEU A 279 -5.34 -27.16 -5.02
N ALA A 280 -6.39 -27.97 -5.22
CA ALA A 280 -7.06 -28.02 -6.51
C ALA A 280 -7.64 -26.66 -6.88
N ALA A 281 -8.21 -25.94 -5.92
CA ALA A 281 -8.74 -24.62 -6.24
C ALA A 281 -7.63 -23.64 -6.64
N ALA A 282 -6.52 -23.64 -5.90
CA ALA A 282 -5.43 -22.71 -6.19
C ALA A 282 -4.72 -23.08 -7.49
N GLN A 283 -4.68 -24.37 -7.83
CA GLN A 283 -4.17 -24.78 -9.13
C GLN A 283 -5.10 -24.38 -10.26
N ALA A 284 -6.40 -24.58 -10.07
CA ALA A 284 -7.35 -24.15 -11.10
C ALA A 284 -7.34 -22.64 -11.26
N ALA A 285 -7.11 -21.89 -10.17
CA ALA A 285 -7.01 -20.43 -10.25
C ALA A 285 -5.70 -19.99 -10.90
N ASN A 286 -4.82 -20.92 -11.26
CA ASN A 286 -3.48 -20.63 -11.79
C ASN A 286 -2.65 -19.79 -10.80
N TRP A 287 -2.86 -20.02 -9.50
CA TRP A 287 -2.05 -19.39 -8.46
C TRP A 287 -0.77 -20.17 -8.21
N VAL A 288 -0.86 -21.50 -8.19
CA VAL A 288 0.23 -22.38 -7.76
C VAL A 288 0.42 -23.48 -8.79
N ASP A 289 1.61 -24.06 -8.77
CA ASP A 289 1.93 -25.20 -9.62
C ASP A 289 1.62 -26.49 -8.86
N ALA A 290 2.07 -27.63 -9.40
CA ALA A 290 1.72 -28.93 -8.85
C ALA A 290 2.26 -29.12 -7.44
N GLU A 291 3.32 -28.41 -7.07
CA GLU A 291 3.89 -28.54 -5.74
C GLU A 291 3.38 -27.48 -4.78
N GLY A 292 2.28 -26.81 -5.12
CA GLY A 292 1.76 -25.75 -4.25
C GLY A 292 2.65 -24.54 -4.18
N LYS A 293 3.44 -24.28 -5.21
CA LYS A 293 4.35 -23.14 -5.20
C LYS A 293 3.90 -22.08 -6.20
N THR A 294 4.21 -20.82 -5.87
CA THR A 294 3.70 -19.67 -6.60
C THR A 294 4.84 -18.72 -6.96
N TYR A 295 4.67 -17.99 -8.08
CA TYR A 295 5.64 -17.05 -8.62
C TYR A 295 5.12 -15.62 -8.51
N TYR A 296 6.02 -14.70 -8.18
CA TYR A 296 5.74 -13.25 -8.20
C TYR A 296 6.74 -12.59 -9.14
N PRO A 297 6.41 -12.45 -10.43
CA PRO A 297 7.33 -11.86 -11.40
C PRO A 297 7.19 -10.35 -11.49
N VAL A 298 8.34 -9.69 -11.71
CA VAL A 298 8.38 -8.23 -11.94
C VAL A 298 9.04 -7.99 -13.29
N LEU A 299 8.30 -7.39 -14.22
CA LEU A 299 8.85 -7.00 -15.51
C LEU A 299 9.68 -5.73 -15.29
N VAL A 300 10.97 -5.83 -15.58
CA VAL A 300 11.90 -4.77 -15.17
C VAL A 300 11.74 -3.57 -16.09
N ASN A 301 11.68 -2.37 -15.49
CA ASN A 301 11.63 -1.11 -16.23
C ASN A 301 10.40 -1.05 -17.15
N PHE A 302 9.29 -1.60 -16.67
CA PHE A 302 8.11 -1.85 -17.51
C PHE A 302 6.93 -1.04 -16.98
N ASN A 303 6.12 -0.50 -17.89
CA ASN A 303 5.00 0.35 -17.48
C ASN A 303 3.79 -0.54 -17.20
N SER A 304 3.42 -0.62 -15.93
CA SER A 304 2.30 -1.40 -15.45
C SER A 304 1.67 -0.60 -14.32
N ASN A 305 0.36 -0.80 -14.10
CA ASN A 305 -0.30 0.09 -13.16
C ASN A 305 0.03 -0.22 -11.71
N ASN A 306 0.44 -1.45 -11.40
CA ASN A 306 0.87 -1.75 -10.05
C ASN A 306 2.39 -1.64 -9.88
N TYR A 307 3.07 -0.96 -10.81
CA TYR A 307 4.47 -0.58 -10.67
C TYR A 307 4.57 0.93 -10.50
N THR A 308 5.11 1.39 -9.39
CA THR A 308 5.40 2.80 -9.16
C THR A 308 6.90 3.05 -9.28
N TYR A 309 7.27 4.12 -9.98
CA TYR A 309 8.66 4.51 -10.17
C TYR A 309 8.92 5.83 -9.45
N ASP A 310 10.05 5.89 -8.76
CA ASP A 310 10.30 7.03 -7.88
C ASP A 310 10.65 8.27 -8.69
N SER A 311 10.32 9.45 -8.12
CA SER A 311 10.77 10.76 -8.61
C SER A 311 10.41 11.00 -10.08
N ASN A 312 9.22 10.57 -10.48
CA ASN A 312 8.64 10.91 -11.78
C ASN A 312 9.53 10.47 -12.94
N TYR A 313 10.09 9.26 -12.82
CA TYR A 313 10.75 8.57 -13.92
C TYR A 313 9.71 7.83 -14.73
N THR A 314 9.93 7.74 -16.04
CA THR A 314 9.04 7.00 -16.92
C THR A 314 9.70 5.70 -17.36
N PRO A 315 9.12 4.53 -17.06
CA PRO A 315 9.69 3.27 -17.56
C PRO A 315 9.64 3.20 -19.09
N LYS A 316 10.70 2.64 -19.67
CA LYS A 316 10.87 2.62 -21.11
C LYS A 316 10.62 1.25 -21.74
N ASN A 317 10.22 0.26 -20.94
CA ASN A 317 9.93 -1.09 -21.43
C ASN A 317 11.15 -1.72 -22.11
N LYS A 318 12.31 -1.59 -21.45
CA LYS A 318 13.53 -2.17 -21.98
C LYS A 318 14.60 -2.18 -20.89
N ILE A 319 15.65 -2.96 -21.12
CA ILE A 319 16.87 -2.92 -20.32
C ILE A 319 17.86 -1.98 -21.02
N GLU A 320 18.32 -0.96 -20.31
CA GLU A 320 19.35 -0.05 -20.80
C GLU A 320 20.65 -0.24 -20.02
N ARG A 321 21.78 -0.12 -20.71
CA ARG A 321 23.08 -0.30 -20.09
C ARG A 321 23.27 0.68 -18.95
N ASN A 322 24.12 0.31 -17.99
CA ASN A 322 24.60 1.18 -16.91
C ASN A 322 23.47 1.62 -15.98
N HIS A 323 22.36 0.89 -15.99
CA HIS A 323 21.20 1.19 -15.15
C HIS A 323 21.05 0.15 -14.03
N LYS A 324 20.77 0.66 -12.85
CA LYS A 324 20.43 -0.12 -11.66
C LYS A 324 18.92 -0.03 -11.47
N TYR A 325 18.21 -1.14 -11.64
CA TYR A 325 16.76 -1.19 -11.41
C TYR A 325 16.52 -1.88 -10.07
N ASP A 326 16.32 -1.08 -9.02
CA ASP A 326 16.16 -1.61 -7.67
C ASP A 326 14.66 -1.73 -7.37
N ILE A 327 14.23 -2.91 -6.93
CA ILE A 327 12.81 -3.22 -6.81
C ILE A 327 12.44 -3.48 -5.35
N LYS A 328 11.42 -2.77 -4.86
CA LYS A 328 10.73 -3.12 -3.63
C LYS A 328 9.42 -3.82 -3.99
N LEU A 329 9.26 -5.06 -3.57
CA LEU A 329 8.10 -5.87 -3.89
C LEU A 329 7.25 -6.09 -2.64
N THR A 330 5.96 -5.76 -2.72
CA THR A 330 5.00 -6.05 -1.68
C THR A 330 4.01 -7.07 -2.22
N ILE A 331 3.93 -8.21 -1.56
CA ILE A 331 3.02 -9.29 -1.95
C ILE A 331 1.76 -9.14 -1.12
N THR A 332 0.59 -9.14 -1.80
CA THR A 332 -0.67 -8.96 -1.08
C THR A 332 -1.69 -10.08 -1.30
N GLY A 333 -1.38 -11.05 -2.15
CA GLY A 333 -2.24 -12.21 -2.33
C GLY A 333 -1.46 -13.30 -3.03
N PRO A 334 -2.16 -14.32 -3.53
CA PRO A 334 -1.47 -15.40 -4.25
C PRO A 334 -0.78 -14.90 -5.51
N GLY A 335 0.23 -15.61 -5.95
CA GLY A 335 0.92 -15.22 -7.17
C GLY A 335 0.41 -15.96 -8.39
N THR A 336 1.33 -16.35 -9.26
CA THR A 336 0.97 -17.04 -10.49
C THR A 336 1.78 -18.32 -10.63
N ASN A 337 1.24 -19.29 -11.38
CA ASN A 337 2.01 -20.48 -11.67
C ASN A 337 2.77 -20.39 -13.00
N ASN A 338 2.56 -19.33 -13.77
CA ASN A 338 3.33 -19.10 -14.99
C ASN A 338 3.87 -17.68 -14.97
N PRO A 339 5.13 -17.48 -14.55
CA PRO A 339 5.69 -16.13 -14.49
C PRO A 339 5.94 -15.52 -15.86
N GLU A 340 5.80 -16.28 -16.94
CA GLU A 340 6.07 -15.75 -18.27
C GLU A 340 4.80 -15.51 -19.07
N ASN A 341 3.67 -15.36 -18.39
CA ASN A 341 2.43 -15.08 -19.06
C ASN A 341 2.01 -13.65 -18.79
N PRO A 342 1.28 -13.03 -19.72
CA PRO A 342 1.16 -11.56 -19.73
C PRO A 342 0.87 -10.99 -18.37
N ILE A 343 1.42 -9.79 -18.12
CA ILE A 343 1.43 -9.13 -16.83
C ILE A 343 0.07 -9.35 -16.17
N THR A 344 0.08 -10.09 -15.05
CA THR A 344 -1.09 -10.83 -14.58
C THR A 344 -2.33 -9.94 -14.46
N GLU A 345 -3.51 -10.57 -14.56
CA GLU A 345 -4.78 -9.86 -14.44
C GLU A 345 -5.10 -9.48 -12.99
N SER A 346 -4.61 -10.28 -12.03
CA SER A 346 -4.79 -10.00 -10.60
C SER A 346 -3.60 -9.22 -10.06
N ALA A 347 -3.86 -8.01 -9.57
CA ALA A 347 -2.83 -7.21 -8.90
C ALA A 347 -2.71 -7.67 -7.43
N HIS A 348 -2.17 -8.88 -7.28
CA HIS A 348 -1.79 -9.39 -5.96
C HIS A 348 -0.35 -9.03 -5.60
N LEU A 349 0.25 -8.05 -6.27
CA LEU A 349 1.55 -7.54 -5.87
C LEU A 349 1.65 -6.06 -6.23
N ASN A 350 2.61 -5.39 -5.58
CA ASN A 350 2.91 -3.98 -5.82
C ASN A 350 4.42 -3.80 -5.94
N VAL A 351 4.83 -2.99 -6.90
CA VAL A 351 6.25 -2.75 -7.14
C VAL A 351 6.53 -1.26 -6.96
N GLN A 352 7.54 -0.95 -6.16
CA GLN A 352 8.12 0.38 -6.23
C GLN A 352 9.56 0.22 -6.68
N CYS A 353 9.89 0.82 -7.82
CA CYS A 353 11.21 0.70 -8.43
C CYS A 353 11.92 2.05 -8.42
N THR A 354 13.19 2.03 -7.99
CA THR A 354 14.10 3.15 -8.06
C THR A 354 15.16 2.84 -9.10
N VAL A 355 15.37 3.76 -10.05
CA VAL A 355 16.29 3.55 -11.16
C VAL A 355 17.42 4.57 -11.04
N ALA A 356 18.64 4.12 -11.25
CA ALA A 356 19.79 5.02 -11.24
C ALA A 356 20.86 4.52 -12.21
N GLU A 357 21.77 5.41 -12.59
CA GLU A 357 22.90 5.07 -13.43
C GLU A 357 24.16 5.05 -12.58
N TRP A 358 25.06 4.11 -12.86
CA TRP A 358 26.28 4.03 -12.07
C TRP A 358 27.28 5.08 -12.52
N VAL A 359 28.14 5.46 -11.60
CA VAL A 359 29.30 6.28 -11.91
C VAL A 359 30.55 5.43 -11.67
N LEU A 360 31.69 5.95 -12.12
CA LEU A 360 32.97 5.28 -11.93
C LEU A 360 33.64 5.89 -10.71
N VAL A 361 34.01 5.07 -9.77
CA VAL A 361 34.70 5.56 -8.58
C VAL A 361 36.20 5.46 -8.81
N GLY A 362 36.93 6.45 -8.28
CA GLY A 362 38.37 6.48 -8.43
C GLY A 362 39.07 5.37 -7.66
N GLN A 363 40.37 5.22 -7.96
CA GLN A 363 41.20 4.18 -7.35
C GLN A 363 41.73 4.59 -5.97
N GLU B 14 12.56 17.38 -5.68
CA GLU B 14 12.72 16.13 -4.95
C GLU B 14 13.45 16.40 -3.62
N GLY B 15 13.69 15.34 -2.84
CA GLY B 15 14.53 15.44 -1.65
C GLY B 15 13.86 14.87 -0.41
N ASN B 16 14.67 14.74 0.64
CA ASN B 16 14.17 14.31 1.92
C ASN B 16 13.29 15.37 2.56
N ALA B 17 12.30 14.93 3.33
CA ALA B 17 11.38 15.86 3.95
C ALA B 17 10.93 15.29 5.29
N THR B 18 10.27 16.14 6.07
CA THR B 18 9.49 15.70 7.22
C THR B 18 8.13 16.36 7.15
N ILE B 19 7.13 15.70 7.75
CA ILE B 19 5.83 16.33 7.94
C ILE B 19 5.49 16.26 9.41
N SER B 20 4.82 17.31 9.90
CA SER B 20 4.31 17.42 11.25
C SER B 20 2.83 17.75 11.16
N VAL B 21 2.00 17.07 11.95
CA VAL B 21 0.56 17.14 11.83
C VAL B 21 -0.06 17.35 13.21
N VAL B 22 -0.87 18.39 13.33
CA VAL B 22 -1.62 18.70 14.55
C VAL B 22 -3.11 18.49 14.26
N LEU B 23 -3.82 17.84 15.19
CA LEU B 23 -5.25 17.61 15.07
C LEU B 23 -6.04 18.83 15.56
N LYS B 24 -7.17 19.08 14.89
CA LYS B 24 -8.11 20.09 15.36
C LYS B 24 -8.73 19.66 16.68
N THR B 25 -8.63 20.53 17.69
CA THR B 25 -9.23 20.29 18.99
C THR B 25 -10.11 21.49 19.35
N SER B 26 -10.91 21.30 20.40
CA SER B 26 -11.78 22.36 20.89
C SER B 26 -11.00 23.36 21.76
N ASP B 36 -22.28 13.24 27.64
CA ASP B 36 -21.62 14.01 26.58
C ASP B 36 -20.58 13.16 25.84
N ASP B 37 -19.59 12.65 26.59
CA ASP B 37 -18.65 11.60 26.11
C ASP B 37 -17.79 12.09 24.93
N GLU B 38 -17.12 13.23 25.12
CA GLU B 38 -16.37 13.89 24.05
C GLU B 38 -15.13 13.09 23.66
N SER B 39 -14.64 13.35 22.43
CA SER B 39 -13.58 12.54 21.85
C SER B 39 -12.23 12.79 22.55
N LYS B 40 -11.49 11.71 22.78
CA LYS B 40 -10.16 11.73 23.38
C LYS B 40 -9.25 10.79 22.60
N VAL B 41 -8.01 11.24 22.34
CA VAL B 41 -7.02 10.50 21.55
C VAL B 41 -6.08 9.77 22.51
N ALA B 42 -6.17 8.44 22.54
CA ALA B 42 -5.24 7.63 23.30
C ALA B 42 -4.03 7.22 22.49
N LYS B 43 -4.21 7.07 21.19
CA LYS B 43 -3.13 6.80 20.27
C LYS B 43 -3.47 7.46 18.94
N LEU B 44 -2.46 8.03 18.32
CA LEU B 44 -2.62 8.72 17.04
C LEU B 44 -1.56 8.15 16.11
N THR B 45 -1.96 7.78 14.91
CA THR B 45 -1.06 7.19 13.93
C THR B 45 -1.19 7.96 12.63
N VAL B 46 -0.07 8.50 12.13
CA VAL B 46 -0.05 9.20 10.85
C VAL B 46 0.74 8.36 9.87
N MET B 47 0.19 8.17 8.67
CA MET B 47 0.83 7.42 7.61
C MET B 47 0.95 8.30 6.38
N VAL B 48 2.03 8.11 5.64
CA VAL B 48 2.31 8.85 4.41
C VAL B 48 2.49 7.84 3.30
N TYR B 49 1.74 8.00 2.22
CA TYR B 49 1.71 7.04 1.13
C TYR B 49 2.24 7.65 -0.16
N ASN B 50 3.03 6.85 -0.86
CA ASN B 50 3.60 7.20 -2.17
C ASN B 50 2.99 6.23 -3.17
N GLY B 51 1.95 6.67 -3.87
CA GLY B 51 1.11 5.70 -4.54
C GLY B 51 0.58 4.70 -3.52
N GLU B 52 0.76 3.41 -3.81
CA GLU B 52 0.26 2.36 -2.93
C GLU B 52 1.18 2.05 -1.76
N GLN B 53 2.42 2.54 -1.79
CA GLN B 53 3.44 2.15 -0.83
C GLN B 53 3.42 3.03 0.43
N GLN B 54 3.48 2.39 1.59
CA GLN B 54 3.52 3.12 2.87
C GLN B 54 4.94 3.65 3.05
N GLU B 55 5.13 4.95 2.80
CA GLU B 55 6.46 5.53 2.88
C GLU B 55 6.87 5.79 4.32
N ALA B 56 5.98 6.33 5.14
CA ALA B 56 6.25 6.54 6.55
C ALA B 56 5.02 6.22 7.38
N ILE B 57 5.26 5.78 8.62
CA ILE B 57 4.22 5.62 9.61
C ILE B 57 4.80 6.03 10.95
N LYS B 58 4.09 6.87 11.71
CA LYS B 58 4.56 7.22 13.03
C LYS B 58 3.40 7.37 13.98
N SER B 59 3.55 6.89 15.21
CA SER B 59 2.51 6.94 16.23
C SER B 59 3.00 7.70 17.45
N ALA B 60 2.05 8.27 18.18
CA ALA B 60 2.29 8.88 19.49
C ALA B 60 1.10 8.57 20.37
N GLU B 61 1.36 8.35 21.66
CA GLU B 61 0.33 7.98 22.62
C GLU B 61 -0.06 9.19 23.45
N ASN B 62 -1.35 9.27 23.78
CA ASN B 62 -1.91 10.37 24.58
C ASN B 62 -1.46 11.73 24.03
N ALA B 63 -1.69 11.92 22.73
CA ALA B 63 -1.14 13.03 21.97
C ALA B 63 -2.18 13.50 20.97
N THR B 64 -2.18 14.80 20.67
CA THR B 64 -2.97 15.32 19.56
C THR B 64 -2.10 15.76 18.38
N LYS B 65 -0.87 15.26 18.29
CA LYS B 65 -0.01 15.61 17.18
C LYS B 65 1.06 14.55 17.01
N VAL B 66 1.56 14.45 15.78
CA VAL B 66 2.72 13.62 15.46
C VAL B 66 3.67 14.47 14.62
N GLU B 67 4.92 14.55 15.04
CA GLU B 67 5.85 15.53 14.48
C GLU B 67 7.07 14.83 13.87
N ASP B 68 7.66 15.51 12.88
CA ASP B 68 8.93 15.12 12.30
C ASP B 68 8.90 13.70 11.77
N ILE B 69 7.87 13.40 10.99
CA ILE B 69 7.76 12.14 10.28
C ILE B 69 8.58 12.22 9.01
N LYS B 70 9.55 11.31 8.86
CA LYS B 70 10.50 11.36 7.76
C LYS B 70 9.89 10.80 6.48
N CYS B 71 9.90 11.61 5.42
CA CYS B 71 9.46 11.14 4.12
C CYS B 71 10.25 11.83 3.01
N SER B 72 9.66 11.99 1.83
CA SER B 72 10.34 12.58 0.69
C SER B 72 9.36 13.46 -0.08
N ALA B 73 9.91 14.41 -0.83
CA ALA B 73 9.11 15.42 -1.50
C ALA B 73 8.31 14.84 -2.66
N GLY B 74 7.18 15.46 -2.97
CA GLY B 74 6.31 15.01 -4.03
C GLY B 74 4.89 14.84 -3.54
N GLN B 75 4.02 14.46 -4.48
CA GLN B 75 2.64 14.18 -4.16
C GLN B 75 2.51 12.89 -3.34
N ARG B 76 1.87 13.01 -2.19
CA ARG B 76 1.65 11.87 -1.30
C ARG B 76 0.20 11.89 -0.82
N THR B 77 -0.25 10.72 -0.38
CA THR B 77 -1.53 10.57 0.33
C THR B 77 -1.27 10.44 1.82
N LEU B 78 -1.94 11.28 2.61
CA LEU B 78 -1.81 11.28 4.06
C LEU B 78 -3.01 10.59 4.69
N VAL B 79 -2.76 9.55 5.48
CA VAL B 79 -3.80 8.82 6.21
C VAL B 79 -3.56 8.97 7.71
N VAL B 80 -4.60 9.41 8.45
CA VAL B 80 -4.50 9.64 9.88
C VAL B 80 -5.59 8.84 10.61
N MET B 81 -5.18 8.06 11.63
CA MET B 81 -6.08 7.25 12.45
C MET B 81 -5.76 7.41 13.94
N ALA B 82 -6.81 7.44 14.77
CA ALA B 82 -6.65 7.50 16.21
C ALA B 82 -7.39 6.35 16.88
N ASN B 83 -6.87 5.94 18.05
CA ASN B 83 -7.53 4.99 18.94
C ASN B 83 -7.71 3.63 18.30
N THR B 84 -6.70 3.17 17.55
CA THR B 84 -6.80 1.89 16.88
C THR B 84 -6.17 0.73 17.66
N GLY B 85 -5.65 0.98 18.87
CA GLY B 85 -5.20 -0.12 19.71
C GLY B 85 -4.22 -1.04 19.00
N ALA B 86 -4.52 -2.35 19.01
CA ALA B 86 -3.60 -3.34 18.49
C ALA B 86 -3.70 -3.55 16.99
N MET B 87 -4.60 -2.83 16.32
CA MET B 87 -4.78 -2.96 14.88
C MET B 87 -3.44 -2.83 14.15
N GLU B 88 -3.21 -3.70 13.17
CA GLU B 88 -1.94 -3.76 12.45
C GLU B 88 -1.96 -2.80 11.28
N LEU B 89 -1.09 -1.80 11.31
CA LEU B 89 -1.01 -0.81 10.25
C LEU B 89 0.33 -0.75 9.55
N VAL B 90 1.43 -1.07 10.24
CA VAL B 90 2.77 -0.92 9.68
C VAL B 90 2.89 -1.74 8.41
N GLY B 91 3.26 -1.09 7.30
CA GLY B 91 3.55 -1.77 6.06
C GLY B 91 2.37 -2.03 5.14
N LYS B 92 1.14 -1.77 5.56
CA LYS B 92 -0.01 -2.07 4.71
C LYS B 92 -0.05 -1.13 3.52
N THR B 93 -0.53 -1.66 2.38
CA THR B 93 -0.67 -0.80 1.22
C THR B 93 -1.79 0.22 1.44
N LEU B 94 -1.84 1.22 0.56
CA LEU B 94 -2.88 2.25 0.67
C LEU B 94 -4.27 1.61 0.52
N ALA B 95 -4.44 0.76 -0.49
CA ALA B 95 -5.73 0.12 -0.71
C ALA B 95 -6.13 -0.72 0.51
N GLU B 96 -5.16 -1.38 1.16
CA GLU B 96 -5.49 -2.21 2.31
C GLU B 96 -5.97 -1.38 3.47
N VAL B 97 -5.35 -0.21 3.69
CA VAL B 97 -5.76 0.66 4.79
C VAL B 97 -7.14 1.24 4.50
N LYS B 98 -7.39 1.63 3.25
CA LYS B 98 -8.67 2.20 2.86
C LYS B 98 -9.81 1.21 3.01
N ALA B 99 -9.50 -0.08 3.04
CA ALA B 99 -10.48 -1.15 3.19
C ALA B 99 -10.55 -1.70 4.61
N LEU B 100 -9.82 -1.11 5.56
CA LEU B 100 -9.87 -1.58 6.94
C LEU B 100 -11.31 -1.54 7.46
N THR B 101 -11.64 -2.51 8.31
CA THR B 101 -12.94 -2.60 8.96
C THR B 101 -12.75 -2.62 10.47
N THR B 102 -13.87 -2.41 11.20
CA THR B 102 -13.91 -2.58 12.64
C THR B 102 -15.21 -3.29 13.00
N GLU B 103 -15.20 -3.97 14.16
CA GLU B 103 -16.41 -4.55 14.70
C GLU B 103 -16.76 -3.96 16.05
N LEU B 104 -18.06 -3.94 16.34
CA LEU B 104 -18.55 -3.44 17.61
C LEU B 104 -18.16 -4.37 18.74
N THR B 105 -17.71 -3.79 19.85
CA THR B 105 -17.15 -4.57 20.95
C THR B 105 -17.75 -4.09 22.26
N ALA B 106 -17.55 -4.92 23.29
CA ALA B 106 -18.00 -4.57 24.62
C ALA B 106 -17.29 -3.33 25.14
N GLU B 107 -15.98 -3.24 24.89
CA GLU B 107 -15.25 -2.07 25.37
C GLU B 107 -15.74 -0.79 24.71
N ASN B 108 -16.28 -0.87 23.49
CA ASN B 108 -16.88 0.32 22.87
C ASN B 108 -17.99 0.91 23.75
N GLN B 109 -18.71 0.05 24.47
CA GLN B 109 -19.82 0.47 25.31
C GLN B 109 -19.38 1.32 26.49
N GLU B 110 -18.10 1.24 26.88
CA GLU B 110 -17.52 2.14 27.87
C GLU B 110 -16.73 3.27 27.22
N ALA B 111 -17.04 3.58 25.95
CA ALA B 111 -16.38 4.62 25.15
C ALA B 111 -14.89 4.36 24.96
N ALA B 112 -14.48 3.10 24.98
CA ALA B 112 -13.09 2.73 24.75
C ALA B 112 -12.91 2.20 23.34
N GLY B 113 -11.76 2.47 22.76
CA GLY B 113 -11.50 2.02 21.40
C GLY B 113 -12.36 2.66 20.33
N LEU B 114 -12.82 3.89 20.57
CA LEU B 114 -13.63 4.59 19.57
C LEU B 114 -12.65 5.18 18.55
N ILE B 115 -12.40 4.38 17.51
CA ILE B 115 -11.51 4.74 16.40
C ILE B 115 -11.97 6.03 15.75
N MET B 116 -11.00 6.86 15.36
CA MET B 116 -11.27 8.09 14.62
C MET B 116 -10.41 8.10 13.37
N THR B 117 -10.98 8.58 12.26
CA THR B 117 -10.21 8.68 11.03
C THR B 117 -10.53 10.00 10.35
N ALA B 118 -9.62 10.41 9.47
CA ALA B 118 -9.88 11.41 8.45
C ALA B 118 -9.87 10.70 7.09
N GLU B 119 -10.56 11.28 6.12
CA GLU B 119 -10.46 10.74 4.77
C GLU B 119 -9.02 10.92 4.27
N PRO B 120 -8.53 10.01 3.42
CA PRO B 120 -7.16 10.16 2.90
C PRO B 120 -7.02 11.49 2.18
N LYS B 121 -5.87 12.15 2.39
CA LYS B 121 -5.68 13.54 2.00
C LYS B 121 -4.54 13.68 1.00
N THR B 122 -4.78 14.42 -0.07
CA THR B 122 -3.76 14.64 -1.10
C THR B 122 -2.88 15.81 -0.69
N ILE B 123 -1.58 15.56 -0.56
CA ILE B 123 -0.64 16.60 -0.18
C ILE B 123 0.56 16.58 -1.11
N VAL B 124 1.23 17.73 -1.22
CA VAL B 124 2.50 17.83 -1.92
C VAL B 124 3.55 18.23 -0.88
N LEU B 125 4.45 17.31 -0.58
CA LEU B 125 5.55 17.62 0.31
C LEU B 125 6.65 18.31 -0.49
N LYS B 126 7.16 19.44 0.03
CA LYS B 126 8.38 20.06 -0.45
C LYS B 126 9.57 19.53 0.34
N ALA B 127 10.78 19.71 -0.21
CA ALA B 127 11.96 19.25 0.50
C ALA B 127 12.06 19.97 1.84
N GLY B 128 12.51 19.25 2.87
CA GLY B 128 12.62 19.87 4.18
C GLY B 128 11.36 19.73 5.01
N LYS B 129 11.03 20.71 5.85
CA LYS B 129 9.93 20.55 6.80
C LYS B 129 8.60 20.97 6.21
N ASN B 130 7.57 20.16 6.46
CA ASN B 130 6.21 20.42 6.03
C ASN B 130 5.28 20.36 7.23
N TYR B 131 4.26 21.22 7.24
CA TYR B 131 3.37 21.36 8.38
C TYR B 131 1.91 21.31 7.96
N ILE B 132 1.10 20.63 8.77
CA ILE B 132 -0.35 20.77 8.72
C ILE B 132 -0.81 21.15 10.12
N GLY B 133 -1.54 22.26 10.22
CA GLY B 133 -2.07 22.68 11.50
C GLY B 133 -1.12 23.48 12.39
N TYR B 134 -0.08 24.09 11.84
CA TYR B 134 0.80 24.94 12.63
C TYR B 134 0.53 26.41 12.39
N SER B 135 -0.55 26.74 11.68
CA SER B 135 -1.04 28.11 11.51
C SER B 135 0.05 29.03 10.96
N GLY B 136 0.80 28.53 9.98
CA GLY B 136 1.86 29.32 9.40
C GLY B 136 2.99 29.69 10.33
N THR B 137 3.12 29.01 11.47
CA THR B 137 4.19 29.28 12.44
C THR B 137 5.25 28.20 12.32
N GLY B 138 6.40 28.58 11.78
CA GLY B 138 7.51 27.66 11.56
C GLY B 138 8.12 27.95 10.21
N GLU B 139 9.41 27.66 10.09
CA GLU B 139 10.11 27.79 8.82
C GLU B 139 9.89 26.50 8.04
N GLY B 140 9.32 26.63 6.85
CA GLY B 140 9.07 25.47 6.03
C GLY B 140 7.73 25.58 5.34
N ASN B 141 7.30 24.47 4.75
CA ASN B 141 6.14 24.50 3.88
C ASN B 141 4.88 24.14 4.66
N HIS B 142 3.96 25.09 4.76
CA HIS B 142 2.69 24.87 5.43
C HIS B 142 1.69 24.37 4.41
N ILE B 143 1.48 23.05 4.40
CA ILE B 143 0.54 22.45 3.46
C ILE B 143 -0.89 22.92 3.78
N GLU B 144 -1.26 22.90 5.05
CA GLU B 144 -2.50 23.51 5.49
C GLU B 144 -2.23 24.22 6.80
N ASN B 145 -2.82 25.40 6.96
CA ASN B 145 -2.69 26.14 8.21
C ASN B 145 -3.62 25.59 9.27
N ASP B 146 -4.85 25.25 8.88
CA ASP B 146 -5.83 24.72 9.84
C ASP B 146 -5.40 23.33 10.32
N PRO B 147 -5.61 23.01 11.59
CA PRO B 147 -5.34 21.66 12.06
C PRO B 147 -6.31 20.66 11.44
N LEU B 148 -5.92 19.39 11.46
CA LEU B 148 -6.61 18.36 10.69
C LEU B 148 -7.79 17.80 11.50
N LYS B 149 -8.96 17.78 10.88
CA LYS B 149 -10.13 17.21 11.52
C LYS B 149 -10.13 15.70 11.33
N ILE B 150 -10.31 14.96 12.43
CA ILE B 150 -10.64 13.54 12.37
C ILE B 150 -11.89 13.32 13.20
N LYS B 151 -12.63 12.26 12.87
CA LYS B 151 -13.97 11.99 13.37
C LYS B 151 -14.09 10.56 13.87
N ARG B 152 -14.82 10.38 14.97
CA ARG B 152 -15.19 9.03 15.40
C ARG B 152 -15.88 8.29 14.26
N VAL B 153 -15.71 6.96 14.24
CA VAL B 153 -16.48 6.10 13.34
C VAL B 153 -17.74 5.54 14.02
N HIS B 154 -17.82 5.59 15.35
CA HIS B 154 -18.99 5.18 16.11
C HIS B 154 -19.97 6.34 16.25
N ALA B 155 -21.25 5.97 16.45
CA ALA B 155 -22.27 6.86 16.97
C ALA B 155 -22.69 6.38 18.36
N ARG B 156 -23.48 7.21 19.05
CA ARG B 156 -24.04 6.87 20.34
C ARG B 156 -25.55 7.09 20.32
N MET B 157 -26.29 6.08 20.76
CA MET B 157 -27.73 6.19 20.99
C MET B 157 -27.99 6.03 22.47
N ALA B 158 -28.71 6.98 23.07
CA ALA B 158 -28.88 6.89 24.51
C ALA B 158 -30.13 7.64 24.93
N PHE B 159 -30.75 7.15 26.02
CA PHE B 159 -31.84 7.84 26.67
C PHE B 159 -31.28 8.88 27.62
N THR B 160 -31.81 10.11 27.56
CA THR B 160 -31.56 11.10 28.59
C THR B 160 -32.78 11.33 29.48
N GLU B 161 -33.94 10.81 29.10
CA GLU B 161 -35.11 10.89 29.95
C GLU B 161 -36.14 9.87 29.47
N ILE B 162 -36.65 9.07 30.40
CA ILE B 162 -37.82 8.22 30.19
C ILE B 162 -38.87 8.63 31.21
N LYS B 163 -39.98 9.17 30.75
CA LYS B 163 -41.08 9.55 31.63
C LYS B 163 -42.37 8.91 31.14
N VAL B 164 -43.24 8.52 32.08
CA VAL B 164 -44.49 7.80 31.79
C VAL B 164 -45.65 8.79 32.00
N GLN B 165 -46.19 9.30 30.90
CA GLN B 165 -47.32 10.23 30.94
C GLN B 165 -48.51 9.59 30.20
N MET B 166 -49.15 8.63 30.87
CA MET B 166 -50.25 7.88 30.29
C MET B 166 -51.36 8.79 29.78
N SER B 167 -51.74 8.60 28.52
CA SER B 167 -52.87 9.35 27.97
C SER B 167 -54.19 9.01 28.69
N ALA B 168 -55.28 9.64 28.24
CA ALA B 168 -56.53 9.61 29.00
C ALA B 168 -57.02 8.18 29.25
N ALA B 169 -57.10 7.38 28.17
CA ALA B 169 -57.64 6.03 28.28
C ALA B 169 -56.88 5.18 29.29
N TYR B 170 -55.57 5.40 29.44
CA TYR B 170 -54.75 4.56 30.31
C TYR B 170 -54.37 5.19 31.63
N ASP B 171 -54.55 6.50 31.79
CA ASP B 171 -54.04 7.17 32.98
C ASP B 171 -54.69 6.59 34.23
N ASN B 172 -53.87 6.28 35.23
CA ASN B 172 -54.24 5.72 36.53
C ASN B 172 -54.71 4.27 36.45
N ILE B 173 -54.68 3.66 35.28
CA ILE B 173 -55.04 2.26 35.15
C ILE B 173 -53.78 1.46 34.87
N TYR B 174 -53.13 1.74 33.75
CA TYR B 174 -51.90 1.08 33.39
C TYR B 174 -50.67 1.86 33.87
N THR B 175 -49.67 1.13 34.35
CA THR B 175 -48.36 1.67 34.64
C THR B 175 -47.29 0.78 34.04
N PHE B 176 -46.11 1.36 33.84
CA PHE B 176 -44.96 0.68 33.28
C PHE B 176 -43.83 0.75 34.29
N VAL B 177 -43.24 -0.38 34.63
CA VAL B 177 -42.04 -0.36 35.45
C VAL B 177 -40.87 -0.83 34.59
N PRO B 178 -39.88 0.00 34.33
CA PRO B 178 -38.77 -0.40 33.46
C PRO B 178 -37.81 -1.35 34.16
N GLU B 179 -37.26 -2.27 33.39
CA GLU B 179 -36.29 -3.23 33.90
C GLU B 179 -34.99 -3.25 33.11
N LYS B 180 -35.06 -3.15 31.79
CA LYS B 180 -33.88 -3.26 30.93
C LYS B 180 -33.92 -2.20 29.85
N ILE B 181 -32.74 -1.75 29.45
CA ILE B 181 -32.53 -0.90 28.29
C ILE B 181 -31.68 -1.69 27.30
N TYR B 182 -32.17 -1.82 26.07
CA TYR B 182 -31.51 -2.65 25.06
C TYR B 182 -31.13 -1.82 23.85
N GLY B 183 -30.03 -2.24 23.21
CA GLY B 183 -29.78 -1.91 21.82
C GLY B 183 -30.13 -3.11 20.96
N LEU B 184 -31.01 -2.88 19.98
CA LEU B 184 -31.42 -3.94 19.05
C LEU B 184 -30.91 -3.65 17.65
N ILE B 185 -30.63 -4.71 16.89
CA ILE B 185 -30.30 -4.59 15.47
C ILE B 185 -29.09 -3.65 15.31
N ALA B 186 -28.03 -3.92 16.05
CA ALA B 186 -26.78 -3.18 15.93
C ALA B 186 -25.92 -3.87 14.88
N LYS B 187 -25.64 -3.18 13.79
CA LYS B 187 -24.80 -3.78 12.76
C LYS B 187 -23.41 -4.04 13.33
N LYS B 188 -22.87 -5.22 13.02
CA LYS B 188 -21.66 -5.67 13.73
C LYS B 188 -20.39 -5.01 13.18
N GLN B 189 -20.32 -4.82 11.87
CA GLN B 189 -19.11 -4.35 11.20
C GLN B 189 -19.37 -3.09 10.38
N SER B 190 -18.40 -2.20 10.34
CA SER B 190 -18.41 -1.07 9.41
C SER B 190 -17.01 -0.88 8.82
N ASN B 191 -16.93 -0.10 7.76
CA ASN B 191 -15.65 0.38 7.28
C ASN B 191 -15.15 1.50 8.18
N LEU B 192 -13.92 1.95 7.93
CA LEU B 192 -13.34 3.06 8.66
C LEU B 192 -13.09 4.30 7.81
N PHE B 193 -13.06 4.15 6.50
CA PHE B 193 -12.86 5.25 5.56
C PHE B 193 -13.99 5.20 4.54
N GLY B 194 -14.32 6.36 3.98
CA GLY B 194 -15.28 6.44 2.89
C GLY B 194 -16.36 7.49 3.07
N ALA B 195 -17.03 7.88 1.97
CA ALA B 195 -18.15 8.82 2.08
C ALA B 195 -19.24 8.29 3.01
N THR B 196 -19.47 6.98 2.99
CA THR B 196 -20.25 6.30 4.02
C THR B 196 -19.42 5.12 4.50
N LEU B 197 -19.56 4.82 5.80
CA LEU B 197 -18.83 3.70 6.38
C LEU B 197 -19.61 2.38 6.33
N VAL B 198 -20.87 2.41 5.89
CA VAL B 198 -21.68 1.19 5.80
C VAL B 198 -21.01 0.20 4.87
N ASN B 199 -21.08 -1.10 5.22
CA ASN B 199 -20.50 -2.13 4.37
C ASN B 199 -21.42 -3.34 4.32
N ALA B 200 -21.12 -4.24 3.38
CA ALA B 200 -21.97 -5.35 2.99
C ALA B 200 -21.96 -6.52 3.98
N ASP B 201 -21.13 -6.48 5.02
CA ASP B 201 -21.20 -7.50 6.06
C ASP B 201 -22.61 -7.57 6.63
N ALA B 202 -23.12 -8.78 6.80
CA ALA B 202 -24.54 -8.97 7.08
C ALA B 202 -24.84 -9.30 8.54
N ASN B 203 -23.85 -9.23 9.41
CA ASN B 203 -24.05 -9.62 10.81
C ASN B 203 -24.58 -8.48 11.65
N TYR B 204 -25.46 -8.83 12.60
CA TYR B 204 -26.07 -7.88 13.52
C TYR B 204 -26.06 -8.44 14.92
N LEU B 205 -26.16 -7.54 15.88
CA LEU B 205 -26.09 -7.90 17.28
C LEU B 205 -27.28 -7.29 18.00
N THR B 206 -27.59 -7.86 19.16
CA THR B 206 -28.67 -7.34 19.96
C THR B 206 -28.44 -7.68 21.42
N GLY B 207 -28.98 -6.85 22.30
CA GLY B 207 -29.00 -7.13 23.70
C GLY B 207 -30.22 -7.90 24.18
N SER B 208 -31.19 -8.13 23.30
CA SER B 208 -32.42 -8.83 23.68
C SER B 208 -32.51 -10.12 22.87
N LEU B 209 -33.71 -10.54 22.48
CA LEU B 209 -33.89 -11.85 21.87
C LEU B 209 -33.58 -11.84 20.38
N THR B 210 -33.07 -12.96 19.89
CA THR B 210 -32.86 -13.17 18.46
C THR B 210 -34.03 -13.89 17.82
N THR B 211 -35.13 -14.08 18.56
CA THR B 211 -36.25 -14.91 18.14
C THR B 211 -37.51 -14.12 17.82
N PHE B 212 -37.45 -12.79 17.80
CA PHE B 212 -38.64 -11.99 17.53
C PHE B 212 -39.22 -12.26 16.16
N ASN B 213 -38.37 -12.54 15.17
CA ASN B 213 -38.82 -12.80 13.80
C ASN B 213 -39.71 -11.67 13.24
N GLY B 214 -39.39 -10.42 13.61
CA GLY B 214 -40.10 -9.27 13.09
C GLY B 214 -39.75 -8.99 11.64
N ALA B 215 -40.43 -7.97 11.08
CA ALA B 215 -40.05 -7.54 9.74
C ALA B 215 -38.66 -6.91 9.71
N TYR B 216 -38.20 -6.35 10.83
CA TYR B 216 -36.86 -5.75 10.95
C TYR B 216 -35.77 -6.74 11.35
N THR B 217 -36.13 -7.91 11.87
CA THR B 217 -35.17 -8.88 12.39
C THR B 217 -34.21 -9.35 11.29
N PRO B 218 -32.89 -9.21 11.48
CA PRO B 218 -31.95 -9.69 10.47
C PRO B 218 -31.80 -11.21 10.52
N ALA B 219 -31.40 -11.78 9.38
CA ALA B 219 -31.19 -13.23 9.30
C ALA B 219 -29.97 -13.67 10.13
N ASN B 220 -28.90 -12.86 10.12
CA ASN B 220 -27.65 -13.18 10.82
C ASN B 220 -27.55 -12.32 12.06
N TYR B 221 -27.88 -12.91 13.21
CA TYR B 221 -28.25 -12.14 14.39
C TYR B 221 -27.77 -12.89 15.63
N ALA B 222 -27.19 -12.16 16.58
CA ALA B 222 -26.66 -12.81 17.77
C ALA B 222 -26.86 -11.91 18.96
N ASN B 223 -27.14 -12.53 20.10
CA ASN B 223 -27.23 -11.83 21.37
C ASN B 223 -25.84 -11.64 21.98
N VAL B 224 -25.61 -10.47 22.57
CA VAL B 224 -24.43 -10.19 23.37
C VAL B 224 -24.90 -9.49 24.65
N PRO B 225 -24.28 -9.77 25.80
CA PRO B 225 -24.76 -9.16 27.06
C PRO B 225 -24.45 -7.68 27.21
N TRP B 226 -23.49 -7.14 26.45
CA TRP B 226 -23.09 -5.75 26.63
C TRP B 226 -23.96 -4.78 25.84
N LEU B 227 -24.88 -5.29 25.01
CA LEU B 227 -25.93 -4.49 24.43
C LEU B 227 -27.20 -4.48 25.29
N SER B 228 -27.08 -4.91 26.54
CA SER B 228 -28.16 -4.91 27.52
C SER B 228 -27.69 -4.23 28.79
N ARG B 229 -28.51 -3.36 29.33
CA ARG B 229 -28.22 -2.69 30.59
C ARG B 229 -29.38 -2.84 31.55
N ASN B 230 -29.07 -3.14 32.81
CA ASN B 230 -30.08 -3.05 33.83
C ASN B 230 -30.53 -1.60 33.99
N TYR B 231 -31.85 -1.41 34.10
CA TYR B 231 -32.41 -0.07 34.05
C TYR B 231 -31.86 0.80 35.17
N VAL B 232 -31.24 1.91 34.79
CA VAL B 232 -30.99 3.05 35.66
C VAL B 232 -31.74 4.22 35.04
N ALA B 233 -32.43 4.98 35.87
CA ALA B 233 -33.25 6.09 35.37
C ALA B 233 -32.40 7.06 34.56
N PRO B 234 -32.65 7.17 33.25
CA PRO B 234 -31.86 8.10 32.43
C PRO B 234 -31.99 9.52 32.92
N ALA B 235 -30.95 10.32 32.63
CA ALA B 235 -30.87 11.73 32.97
C ALA B 235 -29.94 12.39 31.96
N ALA B 236 -30.20 13.67 31.66
CA ALA B 236 -29.25 14.44 30.87
C ALA B 236 -27.86 14.32 31.47
N ASP B 237 -27.79 14.29 32.80
CA ASP B 237 -26.54 14.08 33.52
C ASP B 237 -25.99 12.67 33.32
N ALA B 238 -26.85 11.67 33.13
CA ALA B 238 -26.43 10.27 33.06
C ALA B 238 -27.20 9.55 31.98
N PRO B 239 -26.77 9.68 30.72
CA PRO B 239 -27.47 9.00 29.63
C PRO B 239 -27.32 7.48 29.73
N GLN B 240 -28.30 6.78 29.20
CA GLN B 240 -28.32 5.32 29.22
C GLN B 240 -28.41 4.82 27.79
N GLY B 241 -27.34 4.20 27.31
CA GLY B 241 -27.38 3.74 25.93
C GLY B 241 -26.14 3.00 25.49
N PHE B 242 -25.83 3.10 24.20
CA PHE B 242 -24.83 2.24 23.59
C PHE B 242 -24.13 2.96 22.45
N TYR B 243 -22.90 2.52 22.18
CA TYR B 243 -22.21 2.90 20.96
C TYR B 243 -22.49 1.88 19.88
N VAL B 244 -22.69 2.38 18.66
CA VAL B 244 -23.07 1.56 17.52
C VAL B 244 -22.26 2.04 16.32
N LEU B 245 -22.22 1.22 15.28
CA LEU B 245 -21.58 1.54 14.02
C LEU B 245 -22.64 1.90 12.97
N GLU B 246 -22.15 2.42 11.82
CA GLU B 246 -23.04 2.85 10.75
C GLU B 246 -23.83 1.68 10.17
N ASN B 247 -25.04 2.00 9.74
CA ASN B 247 -26.07 1.02 9.36
C ASN B 247 -27.11 1.79 8.57
N ASP B 248 -27.37 1.39 7.34
CA ASP B 248 -28.29 2.12 6.48
C ASP B 248 -29.63 1.39 6.48
N TYR B 249 -30.67 2.09 6.90
CA TYR B 249 -32.05 1.59 6.77
C TYR B 249 -32.94 2.66 6.14
N SER B 250 -32.42 3.32 5.09
CA SER B 250 -33.08 4.42 4.42
C SER B 250 -33.93 3.99 3.23
N ALA B 251 -33.76 2.75 2.75
CA ALA B 251 -34.62 2.23 1.71
C ALA B 251 -36.09 2.34 2.14
N ASN B 252 -36.96 2.50 1.14
CA ASN B 252 -38.37 2.79 1.37
C ASN B 252 -39.25 1.56 1.23
N GLY B 253 -38.67 0.42 0.92
CA GLY B 253 -39.41 -0.82 0.88
C GLY B 253 -38.46 -1.98 1.06
N GLY B 254 -39.00 -3.16 0.90
CA GLY B 254 -38.21 -4.33 1.19
C GLY B 254 -37.87 -4.40 2.66
N THR B 255 -36.93 -5.28 2.95
CA THR B 255 -36.49 -5.49 4.32
C THR B 255 -35.44 -4.45 4.69
N ILE B 256 -35.70 -3.71 5.77
CA ILE B 256 -34.69 -2.84 6.35
C ILE B 256 -34.46 -3.28 7.78
N HIS B 257 -33.27 -2.94 8.30
CA HIS B 257 -32.81 -3.35 9.61
C HIS B 257 -32.46 -2.12 10.44
N PRO B 258 -33.46 -1.41 10.96
CA PRO B 258 -33.18 -0.18 11.72
C PRO B 258 -32.56 -0.46 13.08
N THR B 259 -31.52 0.29 13.42
CA THR B 259 -30.97 0.18 14.76
C THR B 259 -31.92 0.83 15.76
N ILE B 260 -32.11 0.16 16.90
CA ILE B 260 -33.21 0.47 17.81
C ILE B 260 -32.68 0.58 19.23
N LEU B 261 -33.10 1.64 19.94
CA LEU B 261 -32.84 1.81 21.36
C LEU B 261 -34.16 1.56 22.08
N CYS B 262 -34.14 0.68 23.08
CA CYS B 262 -35.36 0.09 23.59
C CYS B 262 -35.36 0.05 25.11
N VAL B 263 -36.52 0.34 25.72
CA VAL B 263 -36.72 0.14 27.14
C VAL B 263 -37.75 -0.97 27.31
N TYR B 264 -37.59 -1.77 28.37
CA TYR B 264 -38.35 -3.00 28.56
C TYR B 264 -38.74 -3.16 30.02
N GLY B 265 -39.94 -3.67 30.25
CA GLY B 265 -40.40 -3.88 31.61
C GLY B 265 -41.85 -4.32 31.67
N LYS B 266 -42.36 -4.38 32.91
CA LYS B 266 -43.71 -4.88 33.18
C LYS B 266 -44.75 -3.81 32.91
N LEU B 267 -45.79 -4.18 32.15
CA LEU B 267 -47.02 -3.41 32.08
C LEU B 267 -47.97 -3.92 33.16
N GLN B 268 -48.30 -3.06 34.11
CA GLN B 268 -49.24 -3.38 35.16
C GLN B 268 -50.59 -2.76 34.86
N LYS B 269 -51.64 -3.39 35.36
CA LYS B 269 -52.98 -2.83 35.40
C LYS B 269 -53.38 -2.73 36.87
N ASN B 270 -53.84 -1.54 37.27
CA ASN B 270 -54.29 -1.26 38.64
C ASN B 270 -53.21 -1.53 39.69
N GLY B 271 -51.95 -1.66 39.29
CA GLY B 271 -50.87 -1.85 40.24
C GLY B 271 -50.38 -3.27 40.41
N ALA B 272 -50.80 -4.20 39.55
CA ALA B 272 -50.39 -5.59 39.66
C ALA B 272 -50.21 -6.16 38.27
N ASP B 273 -49.56 -7.32 38.19
CA ASP B 273 -49.27 -7.93 36.91
C ASP B 273 -50.54 -8.36 36.20
N LEU B 274 -50.55 -8.20 34.88
CA LEU B 274 -51.70 -8.58 34.09
C LEU B 274 -52.05 -10.05 34.30
N ALA B 275 -53.36 -10.35 34.31
CA ALA B 275 -53.81 -11.72 34.46
C ALA B 275 -55.16 -11.90 33.79
N GLY B 276 -55.49 -13.15 33.46
CA GLY B 276 -56.84 -13.47 33.00
C GLY B 276 -57.19 -12.75 31.72
N ALA B 277 -58.40 -12.16 31.70
CA ALA B 277 -58.87 -11.48 30.49
C ALA B 277 -57.99 -10.28 30.14
N ASP B 278 -57.49 -9.56 31.15
CA ASP B 278 -56.56 -8.45 30.87
C ASP B 278 -55.32 -8.95 30.13
N LEU B 279 -54.71 -10.02 30.64
CA LEU B 279 -53.57 -10.64 29.99
C LEU B 279 -53.93 -11.11 28.58
N ALA B 280 -55.07 -11.76 28.43
CA ALA B 280 -55.47 -12.28 27.12
C ALA B 280 -55.73 -11.13 26.13
N ALA B 281 -56.30 -10.03 26.62
CA ALA B 281 -56.45 -8.85 25.76
C ALA B 281 -55.08 -8.27 25.41
N ALA B 282 -54.27 -8.00 26.44
CA ALA B 282 -52.97 -7.39 26.20
C ALA B 282 -52.13 -8.21 25.23
N GLN B 283 -52.25 -9.54 25.31
CA GLN B 283 -51.52 -10.43 24.42
C GLN B 283 -52.12 -10.45 23.03
N ALA B 284 -53.46 -10.49 22.91
CA ALA B 284 -54.03 -10.50 21.57
C ALA B 284 -53.88 -9.13 20.93
N ALA B 285 -53.78 -8.09 21.76
CA ALA B 285 -53.45 -6.73 21.36
C ALA B 285 -51.97 -6.55 21.04
N ASN B 286 -51.13 -7.52 21.40
CA ASN B 286 -49.68 -7.44 21.19
C ASN B 286 -49.08 -6.26 21.97
N TRP B 287 -49.52 -6.11 23.20
CA TRP B 287 -48.94 -5.16 24.14
C TRP B 287 -47.86 -5.80 25.00
N VAL B 288 -48.05 -7.07 25.37
CA VAL B 288 -47.17 -7.73 26.33
C VAL B 288 -46.87 -9.15 25.86
N ASP B 289 -45.75 -9.67 26.36
CA ASP B 289 -45.36 -11.05 26.11
C ASP B 289 -46.07 -11.95 27.12
N ALA B 290 -45.77 -13.25 27.07
CA ALA B 290 -46.41 -14.19 27.99
C ALA B 290 -46.25 -13.75 29.43
N GLU B 291 -45.13 -13.11 29.75
CA GLU B 291 -44.80 -12.67 31.11
C GLU B 291 -45.39 -11.31 31.46
N GLY B 292 -46.27 -10.75 30.64
CA GLY B 292 -46.83 -9.44 30.97
C GLY B 292 -45.86 -8.28 30.89
N LYS B 293 -44.79 -8.41 30.12
CA LYS B 293 -43.80 -7.37 29.94
C LYS B 293 -43.90 -6.76 28.55
N THR B 294 -43.62 -5.47 28.45
CA THR B 294 -43.79 -4.73 27.22
C THR B 294 -42.49 -4.03 26.83
N TYR B 295 -42.38 -3.71 25.53
CA TYR B 295 -41.21 -3.03 24.97
C TYR B 295 -41.63 -1.69 24.38
N TYR B 296 -40.78 -0.68 24.55
CA TYR B 296 -40.97 0.62 23.92
C TYR B 296 -39.75 0.90 23.04
N PRO B 297 -39.82 0.61 21.73
CA PRO B 297 -38.62 0.75 20.88
C PRO B 297 -38.56 2.07 20.11
N VAL B 298 -37.38 2.66 20.05
CA VAL B 298 -37.15 3.88 19.29
C VAL B 298 -36.22 3.56 18.15
N LEU B 299 -36.69 3.73 16.92
CA LEU B 299 -35.81 3.60 15.77
C LEU B 299 -34.93 4.85 15.67
N VAL B 300 -33.62 4.66 15.77
CA VAL B 300 -32.72 5.79 15.99
C VAL B 300 -32.56 6.57 14.69
N ASN B 301 -32.60 7.90 14.79
CA ASN B 301 -32.39 8.76 13.62
C ASN B 301 -33.37 8.44 12.51
N PHE B 302 -34.57 8.04 12.87
CA PHE B 302 -35.56 7.56 11.93
C PHE B 302 -36.66 8.60 11.77
N ASN B 303 -37.20 8.69 10.57
CA ASN B 303 -38.26 9.65 10.26
C ASN B 303 -39.62 9.04 10.60
N SER B 304 -40.22 9.48 11.72
CA SER B 304 -41.56 9.07 12.11
C SER B 304 -42.30 10.22 12.77
N ASN B 305 -43.62 10.29 12.53
CA ASN B 305 -44.41 11.38 13.09
C ASN B 305 -44.48 11.33 14.61
N ASN B 306 -44.10 10.20 15.23
CA ASN B 306 -43.95 10.13 16.69
C ASN B 306 -42.63 10.72 17.18
N TYR B 307 -41.68 11.00 16.28
CA TYR B 307 -40.34 11.47 16.65
C TYR B 307 -40.15 12.94 16.27
N THR B 308 -39.71 13.77 17.22
CA THR B 308 -39.31 15.15 16.94
C THR B 308 -37.80 15.32 17.08
N TYR B 309 -37.20 16.11 16.18
CA TYR B 309 -35.76 16.38 16.17
C TYR B 309 -35.51 17.88 16.30
N ASP B 310 -34.68 18.27 17.26
CA ASP B 310 -34.40 19.67 17.54
C ASP B 310 -33.46 20.27 16.49
N SER B 311 -33.33 21.60 16.57
CA SER B 311 -32.30 22.37 15.88
C SER B 311 -32.31 22.12 14.38
N ASN B 312 -33.48 21.84 13.84
CA ASN B 312 -33.65 21.71 12.40
C ASN B 312 -32.82 20.57 11.84
N TYR B 313 -32.51 19.58 12.67
CA TYR B 313 -31.84 18.37 12.21
C TYR B 313 -32.83 17.44 11.51
N THR B 314 -32.41 16.84 10.41
CA THR B 314 -33.29 15.97 9.64
C THR B 314 -32.90 14.51 9.86
N PRO B 315 -33.82 13.64 10.32
CA PRO B 315 -33.50 12.20 10.39
C PRO B 315 -33.12 11.67 9.03
N LYS B 316 -32.07 10.86 8.98
CA LYS B 316 -31.58 10.27 7.73
C LYS B 316 -31.89 8.78 7.60
N ASN B 317 -32.59 8.18 8.57
CA ASN B 317 -32.88 6.74 8.52
C ASN B 317 -31.60 5.91 8.37
N LYS B 318 -30.60 6.24 9.19
CA LYS B 318 -29.36 5.46 9.26
C LYS B 318 -28.65 5.83 10.55
N ILE B 319 -27.67 5.00 10.93
CA ILE B 319 -26.69 5.42 11.92
C ILE B 319 -25.54 6.11 11.16
N GLU B 320 -25.20 7.33 11.59
CA GLU B 320 -24.12 8.09 10.97
C GLU B 320 -22.99 8.31 11.96
N ARG B 321 -21.76 8.09 11.50
CA ARG B 321 -20.59 8.22 12.34
C ARG B 321 -20.59 9.56 13.07
N ASN B 322 -19.99 9.56 14.26
CA ASN B 322 -19.67 10.77 15.02
C ASN B 322 -20.90 11.54 15.45
N HIS B 323 -22.06 10.91 15.44
CA HIS B 323 -23.30 11.53 15.88
C HIS B 323 -23.73 10.96 17.23
N LYS B 324 -24.23 11.84 18.08
CA LYS B 324 -24.83 11.50 19.37
C LYS B 324 -26.34 11.71 19.26
N TYR B 325 -27.12 10.62 19.25
CA TYR B 325 -28.59 10.71 19.20
C TYR B 325 -29.12 10.53 20.62
N ASP B 326 -29.44 11.65 21.29
CA ASP B 326 -29.96 11.59 22.65
C ASP B 326 -31.48 11.59 22.58
N ILE B 327 -32.11 10.66 23.31
CA ILE B 327 -33.55 10.41 23.23
C ILE B 327 -34.20 10.72 24.57
N LYS B 328 -35.16 11.64 24.55
CA LYS B 328 -36.14 11.80 25.62
C LYS B 328 -37.38 11.01 25.21
N LEU B 329 -37.69 9.94 25.95
CA LEU B 329 -38.84 9.10 25.64
C LEU B 329 -40.01 9.43 26.56
N THR B 330 -41.18 9.72 25.97
CA THR B 330 -42.43 9.81 26.71
C THR B 330 -43.32 8.63 26.36
N ILE B 331 -43.67 7.83 27.35
CA ILE B 331 -44.62 6.73 27.20
C ILE B 331 -46.02 7.24 27.54
N THR B 332 -46.96 7.02 26.63
CA THR B 332 -48.34 7.45 26.83
C THR B 332 -49.34 6.30 26.87
N GLY B 333 -48.92 5.07 26.63
CA GLY B 333 -49.77 3.92 26.77
C GLY B 333 -48.97 2.65 26.66
N PRO B 334 -49.66 1.53 26.39
CA PRO B 334 -48.95 0.25 26.32
C PRO B 334 -47.98 0.20 25.16
N GLY B 335 -46.88 -0.52 25.37
CA GLY B 335 -45.91 -0.75 24.33
C GLY B 335 -46.29 -1.93 23.44
N THR B 336 -45.28 -2.71 23.05
CA THR B 336 -45.44 -3.82 22.12
C THR B 336 -44.69 -5.03 22.67
N ASN B 337 -45.11 -6.22 22.22
CA ASN B 337 -44.41 -7.43 22.58
C ASN B 337 -43.35 -7.82 21.56
N ASN B 338 -43.30 -7.15 20.41
CA ASN B 338 -42.31 -7.45 19.38
C ASN B 338 -41.67 -6.15 18.91
N PRO B 339 -40.52 -5.78 19.49
CA PRO B 339 -39.90 -4.49 19.18
C PRO B 339 -39.29 -4.43 17.79
N GLU B 340 -39.30 -5.51 17.03
CA GLU B 340 -38.71 -5.52 15.70
C GLU B 340 -39.76 -5.68 14.61
N ASN B 341 -40.97 -5.39 14.93
CA ASN B 341 -42.01 -5.28 13.93
C ASN B 341 -42.17 -3.82 13.51
N PRO B 342 -42.60 -3.60 12.26
CA PRO B 342 -42.61 -2.23 11.71
C PRO B 342 -43.21 -1.22 12.68
N ILE B 343 -42.54 -0.07 12.76
CA ILE B 343 -43.04 1.04 13.56
C ILE B 343 -44.39 1.48 13.00
N THR B 344 -45.31 1.83 13.90
CA THR B 344 -46.63 2.31 13.51
C THR B 344 -46.85 3.69 14.12
N GLU B 345 -47.58 4.54 13.41
CA GLU B 345 -47.97 5.83 13.96
C GLU B 345 -48.89 5.66 15.18
N SER B 346 -49.51 4.48 15.33
CA SER B 346 -50.37 4.16 16.45
C SER B 346 -49.62 3.84 17.75
N ALA B 347 -48.28 3.84 17.72
CA ALA B 347 -47.51 3.54 18.93
C ALA B 347 -47.80 4.56 20.03
N HIS B 348 -47.81 4.09 21.27
CA HIS B 348 -48.16 4.91 22.42
C HIS B 348 -46.91 5.52 23.04
N LEU B 349 -46.20 6.30 22.24
CA LEU B 349 -44.94 6.87 22.67
C LEU B 349 -44.58 8.06 21.77
N ASN B 350 -43.95 9.06 22.36
CA ASN B 350 -43.37 10.14 21.58
C ASN B 350 -41.91 10.33 21.95
N VAL B 351 -41.12 10.74 20.97
CA VAL B 351 -39.68 10.94 21.13
C VAL B 351 -39.32 12.38 20.79
N GLN B 352 -38.60 13.03 21.69
CA GLN B 352 -37.86 14.26 21.39
C GLN B 352 -36.38 13.90 21.33
N CYS B 353 -35.77 14.01 20.15
CA CYS B 353 -34.38 13.62 19.96
C CYS B 353 -33.48 14.85 19.79
N THR B 354 -32.39 14.91 20.55
CA THR B 354 -31.38 15.95 20.40
C THR B 354 -30.13 15.31 19.79
N VAL B 355 -29.69 15.85 18.66
CA VAL B 355 -28.58 15.29 17.88
C VAL B 355 -27.39 16.24 17.97
N ALA B 356 -26.21 15.68 18.22
CA ALA B 356 -24.97 16.44 18.22
C ALA B 356 -23.90 15.63 17.48
N GLU B 357 -22.82 16.30 17.13
CA GLU B 357 -21.62 15.65 16.62
C GLU B 357 -20.46 15.98 17.54
N TRP B 358 -19.66 14.97 17.87
CA TRP B 358 -18.56 15.21 18.79
C TRP B 358 -17.46 16.05 18.15
N VAL B 359 -16.68 16.70 19.00
CA VAL B 359 -15.44 17.35 18.62
C VAL B 359 -14.35 16.74 19.49
N LEU B 360 -13.12 16.92 19.06
CA LEU B 360 -11.99 16.39 19.80
C LEU B 360 -11.55 17.42 20.84
N VAL B 361 -11.28 16.94 22.07
CA VAL B 361 -10.78 17.78 23.16
C VAL B 361 -9.29 17.54 23.33
N GLY B 362 -8.58 18.59 23.75
CA GLY B 362 -7.14 18.49 23.98
C GLY B 362 -6.78 17.58 25.15
#